data_8D9C
#
_entry.id   8D9C
#
_cell.length_a   75.023
_cell.length_b   92.020
_cell.length_c   96.545
_cell.angle_alpha   90.000
_cell.angle_beta   90.000
_cell.angle_gamma   90.000
#
_symmetry.space_group_name_H-M   'P 21 21 21'
#
loop_
_entity.id
_entity.type
_entity.pdbx_description
1 polymer 'Hdac6 protein'
2 non-polymer 2,3,4,5,6-pentafluoro-N-hydroxybenzamide
3 non-polymer 'ZINC ION'
4 non-polymer 'POTASSIUM ION'
5 water water
#
_entity_poly.entity_id   1
_entity_poly.type   'polypeptide(L)'
_entity_poly.pdbx_seq_one_letter_code
;SNAGGSSPITGLVYDQRMMLHHNMWDSHHPELPQRISRIFSRHEELRLLSRCHRIPARLATEEELALCHSSKHISIIKSS
EHMKPRDLNRLGDEYNSIFISNESYTCALLAAGSCFNSAQAILTGQVRNAVAIVRPPGHHAEKDTACGFCFFNTAALTAR
YAQSITRESLRVLIVDWDVHHGNGTQHIFEEDDSVLYISLHRYEDGAFFPNSEDANYDKVGLGKGRGYNVNIPWNGGKMG
DPEYMAAFHHLVMPIAREFAPELVLVSAGFDAARGDPLGGFQVTPEGYAHLTHQLMSLAAGRVLIILEGGYNLTSISESM
SMCTSMLLGDSPPSLDHLTPLKTSATVSINNVLRAHAPFWSSLR
;
_entity_poly.pdbx_strand_id   A,B
#
# COMPACT_ATOMS: atom_id res chain seq x y z
N PRO A 8 -20.84 -19.09 11.10
CA PRO A 8 -19.38 -18.88 11.13
C PRO A 8 -18.98 -17.60 10.40
N ILE A 9 -19.27 -16.45 11.00
CA ILE A 9 -19.16 -15.15 10.35
C ILE A 9 -18.10 -14.29 11.05
N THR A 10 -17.31 -13.56 10.28
CA THR A 10 -16.33 -12.62 10.83
C THR A 10 -16.81 -11.19 10.63
N GLY A 11 -16.87 -10.42 11.71
CA GLY A 11 -17.24 -9.02 11.62
C GLY A 11 -16.04 -8.14 11.31
N LEU A 12 -16.32 -7.02 10.65
CA LEU A 12 -15.30 -6.02 10.35
C LEU A 12 -15.91 -4.65 10.59
N VAL A 13 -15.22 -3.79 11.31
CA VAL A 13 -15.65 -2.42 11.45
C VAL A 13 -14.53 -1.51 10.99
N TYR A 14 -14.91 -0.52 10.18
CA TYR A 14 -14.00 0.48 9.63
C TYR A 14 -14.87 1.68 9.27
N ASP A 15 -14.43 2.87 9.64
CA ASP A 15 -15.17 4.08 9.30
C ASP A 15 -14.17 5.15 8.92
N GLN A 16 -14.30 5.69 7.70
CA GLN A 16 -13.34 6.66 7.23
C GLN A 16 -13.31 7.91 8.09
N ARG A 17 -14.35 8.16 8.89
CA ARG A 17 -14.34 9.35 9.74
C ARG A 17 -13.18 9.34 10.71
N MET A 18 -12.67 8.15 11.07
CA MET A 18 -11.56 8.12 12.02
C MET A 18 -10.25 8.63 11.41
N MET A 19 -10.22 8.89 10.10
CA MET A 19 -9.05 9.52 9.50
C MET A 19 -8.93 11.00 9.85
N LEU A 20 -9.98 11.61 10.42
CA LEU A 20 -10.01 13.05 10.55
C LEU A 20 -9.11 13.54 11.66
N HIS A 21 -8.78 12.70 12.62
CA HIS A 21 -7.77 12.98 13.62
C HIS A 21 -6.41 13.14 12.94
N HIS A 22 -5.76 14.30 13.13
CA HIS A 22 -4.54 14.58 12.38
C HIS A 22 -3.64 15.51 13.16
N ASN A 23 -2.37 15.55 12.74
CA ASN A 23 -1.34 16.39 13.35
C ASN A 23 -1.15 17.61 12.48
N MET A 24 -1.60 18.77 12.96
CA MET A 24 -1.60 19.93 12.07
C MET A 24 -0.24 20.62 11.99
N TRP A 25 0.68 20.33 12.91
CA TRP A 25 2.04 20.87 12.81
C TRP A 25 3.01 19.93 12.10
N ASP A 26 2.81 18.63 12.24
CA ASP A 26 3.70 17.61 11.67
C ASP A 26 2.82 16.64 10.90
N SER A 27 2.55 16.96 9.63
CA SER A 27 1.68 16.13 8.82
C SER A 27 2.29 14.76 8.49
N HIS A 28 3.59 14.57 8.75
CA HIS A 28 4.25 13.30 8.51
C HIS A 28 4.41 12.48 9.79
N HIS A 29 3.82 12.93 10.90
CA HIS A 29 3.84 12.15 12.13
C HIS A 29 3.39 10.72 11.82
N PRO A 30 4.06 9.70 12.38
CA PRO A 30 3.78 8.32 11.95
C PRO A 30 2.38 7.80 12.26
N GLU A 31 1.65 8.37 13.24
CA GLU A 31 0.30 7.89 13.51
C GLU A 31 -0.65 8.58 12.52
N LEU A 32 -0.56 8.12 11.26
CA LEU A 32 -1.18 8.78 10.11
C LEU A 32 -2.65 8.39 9.94
N PRO A 33 -3.47 9.33 9.46
CA PRO A 33 -4.82 8.95 9.00
C PRO A 33 -4.85 7.75 8.08
N GLN A 34 -3.92 7.65 7.14
CA GLN A 34 -3.98 6.57 6.17
C GLN A 34 -3.55 5.23 6.75
N ARG A 35 -3.17 5.15 8.04
CA ARG A 35 -3.00 3.83 8.66
C ARG A 35 -4.26 2.98 8.49
N ILE A 36 -5.43 3.56 8.78
CA ILE A 36 -6.63 2.73 8.72
C ILE A 36 -7.11 2.58 7.28
N SER A 37 -7.00 3.61 6.44
CA SER A 37 -7.45 3.42 5.05
C SER A 37 -6.59 2.40 4.31
N ARG A 38 -5.29 2.36 4.62
CA ARG A 38 -4.43 1.38 3.97
C ARG A 38 -4.80 -0.05 4.37
N ILE A 39 -5.07 -0.30 5.65
CA ILE A 39 -5.49 -1.63 6.07
C ILE A 39 -6.80 -2.01 5.40
N PHE A 40 -7.75 -1.08 5.39
CA PHE A 40 -9.03 -1.35 4.75
C PHE A 40 -8.83 -1.70 3.27
N SER A 41 -8.02 -0.89 2.56
CA SER A 41 -7.75 -1.13 1.15
C SER A 41 -7.17 -2.52 0.91
N ARG A 42 -6.21 -2.94 1.75
CA ARG A 42 -5.60 -4.25 1.58
C ARG A 42 -6.64 -5.36 1.74
N HIS A 43 -7.62 -5.16 2.62
CA HIS A 43 -8.72 -6.11 2.73
C HIS A 43 -9.54 -6.16 1.43
N GLU A 44 -9.81 -5.01 0.82
CA GLU A 44 -10.51 -5.02 -0.46
C GLU A 44 -9.71 -5.74 -1.54
N GLU A 45 -8.43 -5.37 -1.73
CA GLU A 45 -7.72 -5.97 -2.85
C GLU A 45 -7.40 -7.44 -2.64
N LEU A 46 -7.40 -7.90 -1.40
CA LEU A 46 -7.32 -9.34 -1.16
C LEU A 46 -8.68 -10.04 -1.21
N ARG A 47 -9.76 -9.30 -1.45
CA ARG A 47 -11.12 -9.85 -1.48
C ARG A 47 -11.51 -10.49 -0.13
N LEU A 48 -10.95 -9.97 0.96
CA LEU A 48 -11.36 -10.36 2.31
C LEU A 48 -12.58 -9.60 2.78
N LEU A 49 -12.76 -8.37 2.29
CA LEU A 49 -13.84 -7.52 2.81
C LEU A 49 -15.20 -8.12 2.49
N SER A 50 -15.37 -8.66 1.27
CA SER A 50 -16.65 -9.26 0.90
C SER A 50 -16.96 -10.52 1.72
N ARG A 51 -15.97 -11.11 2.37
CA ARG A 51 -16.21 -12.30 3.18
C ARG A 51 -16.61 -11.97 4.60
N CYS A 52 -16.54 -10.71 5.02
CA CYS A 52 -16.87 -10.29 6.38
C CYS A 52 -18.24 -9.66 6.42
N HIS A 53 -18.85 -9.72 7.60
CA HIS A 53 -20.06 -8.95 7.88
C HIS A 53 -19.65 -7.57 8.41
N ARG A 54 -20.07 -6.53 7.72
CA ARG A 54 -19.68 -5.17 8.09
C ARG A 54 -20.47 -4.71 9.31
N ILE A 55 -19.77 -4.35 10.38
CA ILE A 55 -20.38 -3.84 11.60
C ILE A 55 -20.26 -2.33 11.60
N PRO A 56 -21.33 -1.57 11.89
CA PRO A 56 -21.22 -0.12 11.83
C PRO A 56 -20.43 0.43 13.00
N ALA A 57 -19.71 1.52 12.76
CA ALA A 57 -19.14 2.30 13.84
C ALA A 57 -20.24 3.06 14.57
N ARG A 58 -19.96 3.47 15.81
CA ARG A 58 -20.82 4.40 16.54
C ARG A 58 -19.95 5.15 17.53
N LEU A 59 -20.47 6.28 18.01
CA LEU A 59 -19.81 7.03 19.07
C LEU A 59 -20.01 6.33 20.41
N ALA A 60 -18.93 6.14 21.15
CA ALA A 60 -19.07 5.80 22.56
C ALA A 60 -19.77 6.95 23.28
N THR A 61 -20.56 6.61 24.29
CA THR A 61 -21.17 7.63 25.14
C THR A 61 -20.24 8.00 26.28
N GLU A 62 -20.50 9.16 26.88
CA GLU A 62 -19.70 9.59 28.02
C GLU A 62 -19.88 8.62 29.18
N GLU A 63 -21.08 8.05 29.35
CA GLU A 63 -21.27 7.07 30.41
C GLU A 63 -20.40 5.84 30.18
N GLU A 64 -20.26 5.44 28.91
CA GLU A 64 -19.37 4.33 28.57
C GLU A 64 -17.91 4.69 28.85
N LEU A 65 -17.49 5.90 28.50
CA LEU A 65 -16.12 6.32 28.80
C LEU A 65 -15.85 6.23 30.29
N ALA A 66 -16.85 6.50 31.13
CA ALA A 66 -16.66 6.47 32.57
C ALA A 66 -16.46 5.07 33.12
N LEU A 67 -16.66 4.03 32.30
CA LEU A 67 -16.31 2.69 32.73
C LEU A 67 -14.85 2.58 33.12
N CYS A 68 -13.97 3.35 32.46
CA CYS A 68 -12.53 3.31 32.74
C CYS A 68 -11.88 4.66 33.01
N HIS A 69 -12.52 5.77 32.69
CA HIS A 69 -11.84 7.06 32.77
C HIS A 69 -12.55 8.01 33.72
N SER A 70 -11.75 8.88 34.33
CA SER A 70 -12.25 9.88 35.28
C SER A 70 -13.05 10.95 34.55
N SER A 71 -13.98 11.57 35.27
CA SER A 71 -14.76 12.64 34.63
C SER A 71 -13.87 13.80 34.21
N LYS A 72 -12.83 14.09 34.99
CA LYS A 72 -11.92 15.17 34.64
C LYS A 72 -11.28 14.92 33.28
N HIS A 73 -10.72 13.73 33.10
CA HIS A 73 -10.09 13.40 31.82
C HIS A 73 -11.08 13.49 30.67
N ILE A 74 -12.28 12.94 30.86
CA ILE A 74 -13.28 12.97 29.78
C ILE A 74 -13.62 14.41 29.42
N SER A 75 -13.80 15.28 30.42
CA SER A 75 -14.18 16.66 30.15
C SER A 75 -13.08 17.41 29.41
N ILE A 76 -11.82 17.14 29.73
CA ILE A 76 -10.73 17.89 29.10
C ILE A 76 -10.60 17.50 27.63
N ILE A 77 -10.59 16.19 27.33
CA ILE A 77 -10.52 15.78 25.94
C ILE A 77 -11.76 16.24 25.18
N LYS A 78 -12.92 16.18 25.83
CA LYS A 78 -14.15 16.58 25.15
C LYS A 78 -14.08 18.05 24.77
N SER A 79 -13.50 18.88 25.64
CA SER A 79 -13.39 20.32 25.39
C SER A 79 -12.47 20.64 24.21
N SER A 80 -11.52 19.77 23.88
CA SER A 80 -10.62 20.04 22.76
C SER A 80 -11.37 20.15 21.44
N GLU A 81 -12.60 19.65 21.39
CA GLU A 81 -13.37 19.68 20.15
C GLU A 81 -13.54 21.11 19.61
N HIS A 82 -13.62 22.10 20.51
CA HIS A 82 -13.90 23.47 20.13
C HIS A 82 -12.72 24.42 20.34
N MET A 83 -11.50 23.89 20.47
CA MET A 83 -10.32 24.71 20.70
C MET A 83 -9.70 25.19 19.39
N LYS A 84 -8.99 26.33 19.47
CA LYS A 84 -8.24 26.90 18.36
C LYS A 84 -6.86 26.28 18.26
N PRO A 85 -6.21 26.37 17.09
CA PRO A 85 -4.92 25.69 16.91
C PRO A 85 -3.88 25.92 18.00
N ARG A 86 -3.65 27.17 18.41
CA ARG A 86 -2.64 27.40 19.43
C ARG A 86 -3.03 26.74 20.75
N ASP A 87 -4.32 26.76 21.10
CA ASP A 87 -4.77 26.10 22.33
C ASP A 87 -4.70 24.59 22.23
N LEU A 88 -4.92 24.03 21.05
CA LEU A 88 -4.75 22.59 20.85
C LEU A 88 -3.29 22.20 21.01
N ASN A 89 -2.38 22.93 20.36
CA ASN A 89 -0.96 22.65 20.50
C ASN A 89 -0.53 22.74 21.95
N ARG A 90 -1.01 23.76 22.66
CA ARG A 90 -0.70 23.90 24.07
C ARG A 90 -1.16 22.67 24.86
N LEU A 91 -2.39 22.21 24.62
CA LEU A 91 -2.92 21.14 25.44
C LEU A 91 -2.25 19.80 25.12
N GLY A 92 -2.06 19.51 23.84
CA GLY A 92 -1.36 18.30 23.46
C GLY A 92 0.03 18.21 24.07
N ASP A 93 0.76 19.33 24.05
CA ASP A 93 2.11 19.36 24.60
C ASP A 93 2.16 19.11 26.10
N GLU A 94 1.03 19.16 26.80
CA GLU A 94 1.01 18.84 28.23
C GLU A 94 1.05 17.34 28.51
N TYR A 95 0.71 16.49 27.54
CA TYR A 95 0.79 15.05 27.70
C TYR A 95 2.10 14.51 27.11
N ASN A 96 2.41 13.27 27.47
CA ASN A 96 3.51 12.54 26.87
C ASN A 96 3.09 12.03 25.50
N SER A 97 3.65 12.61 24.42
CA SER A 97 3.50 12.12 23.05
C SER A 97 2.04 12.09 22.61
N ILE A 98 1.43 13.27 22.58
CA ILE A 98 0.06 13.43 22.12
C ILE A 98 0.00 14.61 21.17
N PHE A 99 -0.69 14.44 20.03
CA PHE A 99 -1.15 15.57 19.24
C PHE A 99 -2.68 15.54 19.19
N ILE A 100 -3.30 16.73 19.07
CA ILE A 100 -4.75 16.89 19.10
C ILE A 100 -5.18 17.82 18.00
N SER A 101 -6.26 17.46 17.31
CA SER A 101 -7.00 18.33 16.40
C SER A 101 -8.45 18.41 16.86
N ASN A 102 -9.23 19.25 16.16
CA ASN A 102 -10.63 19.45 16.54
C ASN A 102 -11.44 18.16 16.43
N GLU A 103 -11.00 17.20 15.62
CA GLU A 103 -11.72 15.96 15.38
C GLU A 103 -11.25 14.80 16.27
N SER A 104 -10.22 15.02 17.10
CA SER A 104 -9.62 13.92 17.85
C SER A 104 -10.61 13.26 18.81
N TYR A 105 -11.39 14.08 19.52
CA TYR A 105 -12.33 13.52 20.50
C TYR A 105 -13.35 12.62 19.82
N THR A 106 -13.96 13.11 18.73
CA THR A 106 -14.92 12.30 18.00
C THR A 106 -14.28 11.04 17.45
N CYS A 107 -13.04 11.13 16.97
CA CYS A 107 -12.40 9.92 16.45
C CYS A 107 -12.14 8.91 17.55
N ALA A 108 -11.72 9.36 18.73
CA ALA A 108 -11.53 8.43 19.84
C ALA A 108 -12.85 7.81 20.27
N LEU A 109 -13.94 8.60 20.23
CA LEU A 109 -15.27 8.06 20.52
C LEU A 109 -15.66 6.98 19.53
N LEU A 110 -15.40 7.22 18.25
CA LEU A 110 -15.76 6.25 17.21
C LEU A 110 -14.93 4.99 17.36
N ALA A 111 -13.66 5.12 17.70
CA ALA A 111 -12.83 3.93 17.86
C ALA A 111 -13.38 3.05 18.95
N ALA A 112 -13.78 3.63 20.08
CA ALA A 112 -14.31 2.84 21.18
C ALA A 112 -15.68 2.25 20.82
N GLY A 113 -16.58 3.07 20.29
CA GLY A 113 -17.92 2.59 19.94
C GLY A 113 -17.91 1.54 18.86
N SER A 114 -16.97 1.64 17.91
CA SER A 114 -16.78 0.55 16.95
C SER A 114 -16.47 -0.76 17.64
N CYS A 115 -15.60 -0.72 18.66
CA CYS A 115 -15.25 -1.95 19.34
C CYS A 115 -16.38 -2.45 20.22
N PHE A 116 -17.17 -1.55 20.82
CA PHE A 116 -18.35 -1.99 21.57
C PHE A 116 -19.32 -2.73 20.67
N ASN A 117 -19.62 -2.16 19.51
CA ASN A 117 -20.54 -2.84 18.58
C ASN A 117 -20.00 -4.21 18.18
N SER A 118 -18.68 -4.30 17.96
CA SER A 118 -18.08 -5.59 17.58
C SER A 118 -18.17 -6.59 18.73
N ALA A 119 -17.84 -6.15 19.94
CA ALA A 119 -17.93 -7.08 21.06
C ALA A 119 -19.36 -7.53 21.28
N GLN A 120 -20.31 -6.62 21.09
CA GLN A 120 -21.72 -6.98 21.22
C GLN A 120 -22.14 -7.99 20.17
N ALA A 121 -21.67 -7.81 18.93
CA ALA A 121 -21.96 -8.79 17.87
C ALA A 121 -21.38 -10.16 18.21
N ILE A 122 -20.19 -10.20 18.77
CA ILE A 122 -19.58 -11.47 19.18
C ILE A 122 -20.37 -12.10 20.32
N LEU A 123 -20.68 -11.33 21.35
CA LEU A 123 -21.27 -11.90 22.56
C LEU A 123 -22.72 -12.28 22.36
N THR A 124 -23.38 -11.74 21.35
CA THR A 124 -24.74 -12.13 21.02
C THR A 124 -24.78 -13.23 19.98
N GLY A 125 -23.63 -13.68 19.50
CA GLY A 125 -23.57 -14.75 18.53
C GLY A 125 -23.87 -14.36 17.10
N GLN A 126 -23.92 -13.07 16.78
CA GLN A 126 -24.16 -12.68 15.40
C GLN A 126 -22.94 -12.93 14.52
N VAL A 127 -21.74 -12.75 15.06
CA VAL A 127 -20.49 -13.16 14.44
C VAL A 127 -19.74 -14.03 15.43
N ARG A 128 -18.86 -14.88 14.89
CA ARG A 128 -17.98 -15.67 15.75
C ARG A 128 -16.83 -14.84 16.27
N ASN A 129 -16.33 -13.89 15.48
CA ASN A 129 -15.15 -13.10 15.79
C ASN A 129 -15.19 -11.84 14.93
N ALA A 130 -14.21 -10.95 15.11
CA ALA A 130 -14.27 -9.67 14.40
C ALA A 130 -12.93 -8.95 14.45
N VAL A 131 -12.77 -8.00 13.52
CA VAL A 131 -11.60 -7.14 13.45
C VAL A 131 -12.06 -5.68 13.47
N ALA A 132 -11.34 -4.83 14.20
CA ALA A 132 -11.67 -3.41 14.30
C ALA A 132 -10.51 -2.57 13.79
N ILE A 133 -10.70 -1.94 12.63
CA ILE A 133 -9.67 -1.12 11.98
C ILE A 133 -9.92 0.32 12.43
N VAL A 134 -9.31 0.69 13.57
CA VAL A 134 -9.67 1.92 14.27
C VAL A 134 -8.42 2.73 14.59
N ARG A 135 -8.62 4.04 14.73
CA ARG A 135 -7.62 4.96 15.26
C ARG A 135 -8.36 6.16 15.82
N PRO A 136 -7.72 6.93 16.75
CA PRO A 136 -6.41 6.74 17.40
C PRO A 136 -6.37 5.48 18.25
N PRO A 137 -5.16 5.00 18.56
CA PRO A 137 -5.03 3.81 19.40
C PRO A 137 -5.42 4.04 20.86
N GLY A 138 -5.32 3.01 21.70
CA GLY A 138 -5.84 3.10 23.05
C GLY A 138 -4.97 2.67 24.22
N HIS A 139 -4.01 1.75 24.03
CA HIS A 139 -3.54 1.00 25.19
C HIS A 139 -2.62 1.80 26.11
N HIS A 140 -2.13 2.96 25.67
CA HIS A 140 -1.34 3.82 26.55
C HIS A 140 -2.21 4.76 27.38
N ALA A 141 -3.49 4.92 27.04
CA ALA A 141 -4.36 5.83 27.77
C ALA A 141 -4.61 5.31 29.17
N GLU A 142 -4.50 6.20 30.17
CA GLU A 142 -4.74 5.85 31.56
C GLU A 142 -6.13 6.34 31.99
N LYS A 143 -6.52 5.95 33.22
CA LYS A 143 -7.80 6.40 33.74
C LYS A 143 -7.92 7.92 33.69
N ASP A 144 -6.84 8.64 34.01
CA ASP A 144 -6.88 10.09 34.19
C ASP A 144 -6.05 10.88 33.17
N THR A 145 -5.45 10.24 32.18
CA THR A 145 -4.64 11.04 31.25
C THR A 145 -4.46 10.32 29.92
N ALA A 146 -4.21 11.13 28.89
CA ALA A 146 -3.88 10.64 27.57
C ALA A 146 -2.37 10.44 27.47
N CYS A 147 -1.95 9.54 26.57
CA CYS A 147 -0.53 9.20 26.52
C CYS A 147 -0.24 8.42 25.25
N GLY A 148 0.90 8.71 24.64
CA GLY A 148 1.42 7.88 23.58
C GLY A 148 0.45 7.65 22.45
N PHE A 149 -0.11 8.74 21.93
CA PHE A 149 -1.03 8.80 20.79
C PHE A 149 -2.44 8.30 21.15
N CYS A 150 -2.70 7.98 22.42
CA CYS A 150 -3.96 7.38 22.86
C CYS A 150 -4.71 8.34 23.78
N PHE A 151 -6.02 8.50 23.56
CA PHE A 151 -6.89 9.33 24.36
C PHE A 151 -7.74 8.54 25.35
N PHE A 152 -8.45 7.51 24.88
CA PHE A 152 -9.22 6.63 25.74
C PHE A 152 -8.78 5.20 25.47
N ASN A 153 -8.85 4.36 26.50
CA ASN A 153 -8.29 3.02 26.38
C ASN A 153 -9.35 2.10 25.78
N THR A 154 -9.33 2.02 24.45
CA THR A 154 -10.36 1.31 23.69
C THR A 154 -10.51 -0.13 24.13
N ALA A 155 -9.40 -0.87 24.27
CA ALA A 155 -9.51 -2.27 24.65
C ALA A 155 -10.02 -2.42 26.08
N ALA A 156 -9.50 -1.61 27.01
CA ALA A 156 -10.00 -1.66 28.38
C ALA A 156 -11.49 -1.36 28.44
N LEU A 157 -11.92 -0.28 27.76
CA LEU A 157 -13.34 0.05 27.70
C LEU A 157 -14.16 -1.10 27.14
N THR A 158 -13.67 -1.76 26.09
CA THR A 158 -14.43 -2.86 25.49
C THR A 158 -14.58 -4.01 26.46
N ALA A 159 -13.53 -4.29 27.25
CA ALA A 159 -13.66 -5.36 28.25
C ALA A 159 -14.76 -5.02 29.26
N ARG A 160 -14.77 -3.79 29.77
CA ARG A 160 -15.82 -3.38 30.70
C ARG A 160 -17.18 -3.29 30.03
N TYR A 161 -17.23 -2.82 28.78
CA TYR A 161 -18.51 -2.79 28.08
C TYR A 161 -19.06 -4.21 27.96
N ALA A 162 -18.21 -5.16 27.58
CA ALA A 162 -18.63 -6.55 27.43
C ALA A 162 -19.20 -7.07 28.74
N GLN A 163 -18.52 -6.80 29.86
CA GLN A 163 -19.04 -7.24 31.15
C GLN A 163 -20.39 -6.58 31.44
N SER A 164 -20.59 -5.35 30.98
CA SER A 164 -21.82 -4.63 31.26
C SER A 164 -23.03 -5.20 30.50
N ILE A 165 -22.83 -5.89 29.39
CA ILE A 165 -23.94 -6.51 28.66
C ILE A 165 -24.00 -8.01 28.88
N THR A 166 -23.13 -8.58 29.70
CA THR A 166 -23.21 -9.99 30.01
C THR A 166 -23.32 -10.17 31.52
N ARG A 167 -22.21 -10.40 32.20
CA ARG A 167 -22.23 -10.35 33.66
C ARG A 167 -20.93 -9.74 34.13
N GLU A 168 -20.98 -9.13 35.32
CA GLU A 168 -19.87 -8.31 35.80
C GLU A 168 -18.54 -9.07 35.82
N SER A 169 -18.58 -10.37 36.10
CA SER A 169 -17.36 -11.15 36.26
C SER A 169 -16.96 -11.90 34.99
N LEU A 170 -17.54 -11.55 33.84
CA LEU A 170 -17.17 -12.18 32.59
C LEU A 170 -15.66 -12.16 32.41
N ARG A 171 -15.09 -13.33 32.11
CA ARG A 171 -13.64 -13.46 32.06
C ARG A 171 -13.16 -12.99 30.69
N VAL A 172 -12.47 -11.86 30.67
CA VAL A 172 -11.96 -11.27 29.44
C VAL A 172 -10.45 -11.38 29.47
N LEU A 173 -9.87 -11.96 28.41
CA LEU A 173 -8.43 -11.97 28.21
C LEU A 173 -8.07 -10.86 27.24
N ILE A 174 -7.10 -10.02 27.62
CA ILE A 174 -6.52 -9.04 26.72
C ILE A 174 -5.09 -9.46 26.41
N VAL A 175 -4.82 -9.77 25.15
CA VAL A 175 -3.47 -10.06 24.69
C VAL A 175 -2.98 -8.84 23.91
N ASP A 176 -1.89 -8.25 24.36
CA ASP A 176 -1.38 -7.01 23.82
C ASP A 176 -0.06 -7.34 23.12
N TRP A 177 -0.09 -7.52 21.79
CA TRP A 177 1.14 -7.80 21.07
C TRP A 177 1.70 -6.59 20.32
N ASP A 178 1.12 -5.41 20.53
CA ASP A 178 1.81 -4.17 20.16
C ASP A 178 3.21 -4.22 20.75
N VAL A 179 4.18 -3.62 20.06
CA VAL A 179 5.57 -3.76 20.51
C VAL A 179 5.80 -2.98 21.81
N HIS A 180 4.91 -2.07 22.15
CA HIS A 180 5.03 -1.28 23.37
C HIS A 180 4.14 -1.85 24.47
N HIS A 181 4.58 -1.66 25.71
CA HIS A 181 3.76 -2.04 26.86
C HIS A 181 2.50 -1.20 26.91
N GLY A 182 1.36 -1.85 27.11
CA GLY A 182 0.12 -1.13 27.35
C GLY A 182 0.00 -0.69 28.80
N ASN A 183 0.72 0.38 29.15
CA ASN A 183 0.75 0.83 30.54
C ASN A 183 -0.64 1.13 31.04
N GLY A 184 -1.47 1.75 30.20
CA GLY A 184 -2.82 2.10 30.64
C GLY A 184 -3.67 0.88 30.90
N THR A 185 -3.56 -0.14 30.04
CA THR A 185 -4.37 -1.34 30.25
C THR A 185 -3.95 -2.07 31.53
N GLN A 186 -2.64 -2.22 31.74
CA GLN A 186 -2.18 -2.88 32.97
C GLN A 186 -2.71 -2.17 34.21
N HIS A 187 -2.57 -0.84 34.25
CA HIS A 187 -3.00 -0.10 35.42
C HIS A 187 -4.50 -0.19 35.63
N ILE A 188 -5.28 -0.11 34.55
CA ILE A 188 -6.74 -0.13 34.70
C ILE A 188 -7.18 -1.44 35.34
N PHE A 189 -6.52 -2.55 35.00
CA PHE A 189 -6.95 -3.85 35.51
C PHE A 189 -6.02 -4.43 36.56
N GLU A 190 -5.09 -3.64 37.12
CA GLU A 190 -4.03 -4.21 37.95
C GLU A 190 -4.59 -4.95 39.15
N GLU A 191 -5.72 -4.51 39.71
CA GLU A 191 -6.31 -5.16 40.88
C GLU A 191 -7.48 -6.06 40.52
N ASP A 192 -7.58 -6.48 39.26
CA ASP A 192 -8.76 -7.17 38.75
C ASP A 192 -8.42 -8.60 38.36
N ASP A 193 -9.20 -9.56 38.84
CA ASP A 193 -9.05 -10.95 38.42
C ASP A 193 -10.06 -11.38 37.36
N SER A 194 -10.94 -10.47 36.93
CA SER A 194 -11.87 -10.80 35.85
C SER A 194 -11.30 -10.49 34.47
N VAL A 195 -10.26 -9.67 34.39
CA VAL A 195 -9.61 -9.29 33.14
C VAL A 195 -8.14 -9.67 33.23
N LEU A 196 -7.73 -10.70 32.50
CA LEU A 196 -6.34 -11.12 32.48
C LEU A 196 -5.63 -10.33 31.38
N TYR A 197 -4.57 -9.60 31.75
CA TYR A 197 -3.80 -8.79 30.82
C TYR A 197 -2.47 -9.48 30.55
N ILE A 198 -2.20 -9.81 29.29
CA ILE A 198 -0.92 -10.38 28.89
C ILE A 198 -0.31 -9.48 27.82
N SER A 199 0.86 -8.92 28.10
CA SER A 199 1.55 -8.05 27.15
C SER A 199 2.90 -8.65 26.79
N LEU A 200 3.20 -8.68 25.49
CA LEU A 200 4.55 -8.87 24.99
C LEU A 200 5.06 -7.52 24.52
N HIS A 201 6.30 -7.18 24.85
CA HIS A 201 6.75 -5.84 24.50
C HIS A 201 8.28 -5.72 24.56
N ARG A 202 8.80 -4.86 23.70
CA ARG A 202 10.20 -4.48 23.79
C ARG A 202 10.39 -3.64 25.05
N TYR A 203 11.31 -4.07 25.92
CA TYR A 203 11.51 -3.43 27.21
C TYR A 203 12.86 -2.74 27.34
N GLU A 204 13.94 -3.45 27.03
CA GLU A 204 15.30 -2.91 27.08
C GLU A 204 15.59 -2.30 28.45
N ASP A 205 15.26 -3.07 29.50
CA ASP A 205 15.53 -2.69 30.88
C ASP A 205 14.89 -1.35 31.25
N GLY A 206 13.77 -1.01 30.62
CA GLY A 206 13.09 0.25 30.88
C GLY A 206 13.42 1.37 29.93
N ALA A 207 14.30 1.16 28.96
CA ALA A 207 14.74 2.24 28.07
C ALA A 207 13.79 2.47 26.89
N PHE A 208 12.88 1.56 26.62
CA PHE A 208 11.99 1.66 25.46
C PHE A 208 10.65 2.22 25.92
N PHE A 209 10.05 3.08 25.08
CA PHE A 209 8.75 3.67 25.39
C PHE A 209 7.77 2.57 25.82
N PRO A 210 6.96 2.81 26.88
CA PRO A 210 6.79 4.09 27.60
C PRO A 210 7.74 4.31 28.77
N ASN A 211 8.89 3.63 28.79
CA ASN A 211 10.02 4.05 29.62
C ASN A 211 9.76 3.86 31.12
N SER A 212 9.06 2.79 31.50
CA SER A 212 8.75 2.54 32.90
C SER A 212 9.06 1.10 33.28
N GLU A 213 9.60 0.91 34.48
CA GLU A 213 9.78 -0.46 34.98
C GLU A 213 8.46 -1.14 35.34
N ASP A 214 7.31 -0.46 35.25
CA ASP A 214 6.01 -1.13 35.36
C ASP A 214 5.88 -2.28 34.38
N ALA A 215 6.60 -2.23 33.26
CA ALA A 215 6.52 -3.22 32.21
C ALA A 215 7.32 -4.48 32.50
N ASN A 216 8.03 -4.56 33.62
CA ASN A 216 8.88 -5.73 33.82
C ASN A 216 8.08 -6.96 34.23
N TYR A 217 8.72 -8.13 34.14
CA TYR A 217 8.03 -9.40 34.35
C TYR A 217 7.56 -9.58 35.78
N ASP A 218 8.10 -8.83 36.74
CA ASP A 218 7.76 -9.07 38.12
C ASP A 218 6.53 -8.31 38.56
N LYS A 219 5.88 -7.58 37.66
CA LYS A 219 4.61 -6.93 37.98
C LYS A 219 3.52 -7.93 37.62
N VAL A 220 3.01 -8.64 38.62
CA VAL A 220 2.12 -9.78 38.41
C VAL A 220 0.68 -9.45 38.77
N GLY A 221 0.39 -8.19 39.09
CA GLY A 221 -0.92 -7.81 39.55
C GLY A 221 -0.94 -7.53 41.04
N LEU A 222 -2.00 -6.87 41.48
CA LEU A 222 -2.09 -6.39 42.86
C LEU A 222 -3.41 -6.80 43.48
N GLY A 223 -3.38 -7.12 44.77
CA GLY A 223 -4.62 -7.44 45.48
C GLY A 223 -5.30 -8.65 44.89
N LYS A 224 -6.62 -8.52 44.67
CA LYS A 224 -7.36 -9.59 44.01
C LYS A 224 -6.78 -9.93 42.64
N GLY A 225 -6.00 -9.02 42.06
CA GLY A 225 -5.43 -9.19 40.74
C GLY A 225 -4.10 -9.91 40.69
N ARG A 226 -3.53 -10.33 41.82
CA ARG A 226 -2.22 -10.99 41.80
C ARG A 226 -2.28 -12.25 40.94
N GLY A 227 -1.42 -12.30 39.93
CA GLY A 227 -1.41 -13.38 38.98
C GLY A 227 -2.10 -13.08 37.66
N TYR A 228 -2.88 -12.00 37.60
CA TYR A 228 -3.69 -11.70 36.42
C TYR A 228 -3.10 -10.56 35.59
N ASN A 229 -1.80 -10.27 35.76
CA ASN A 229 -1.08 -9.35 34.91
C ASN A 229 0.23 -10.02 34.53
N VAL A 230 0.43 -10.26 33.23
CA VAL A 230 1.53 -11.07 32.74
C VAL A 230 2.31 -10.22 31.76
N ASN A 231 3.50 -9.77 32.18
CA ASN A 231 4.38 -8.99 31.31
C ASN A 231 5.47 -9.89 30.75
N ILE A 232 5.61 -9.89 29.42
CA ILE A 232 6.68 -10.64 28.75
C ILE A 232 7.61 -9.62 28.11
N PRO A 233 8.68 -9.23 28.79
CA PRO A 233 9.51 -8.12 28.30
C PRO A 233 10.75 -8.59 27.55
N TRP A 234 11.03 -7.99 26.39
CA TRP A 234 12.16 -8.37 25.55
C TRP A 234 13.32 -7.42 25.77
N ASN A 235 14.53 -7.98 25.85
CA ASN A 235 15.74 -7.20 26.03
C ASN A 235 16.81 -7.67 25.06
N GLY A 236 17.56 -6.71 24.50
CA GLY A 236 18.77 -6.99 23.75
C GLY A 236 18.62 -8.02 22.64
N GLY A 237 17.76 -7.75 21.67
CA GLY A 237 17.59 -8.65 20.55
C GLY A 237 16.51 -8.18 19.57
N LYS A 238 16.73 -8.42 18.28
CA LYS A 238 15.73 -8.13 17.26
C LYS A 238 14.77 -9.32 17.21
N MET A 239 13.76 -9.28 18.07
CA MET A 239 12.88 -10.42 18.21
C MET A 239 11.98 -10.55 16.99
N GLY A 240 11.59 -11.78 16.69
CA GLY A 240 10.73 -12.06 15.56
C GLY A 240 9.86 -13.27 15.80
N ASP A 241 9.41 -13.93 14.73
CA ASP A 241 8.51 -15.07 14.87
C ASP A 241 9.01 -16.15 15.83
N PRO A 242 10.28 -16.56 15.83
CA PRO A 242 10.69 -17.63 16.76
C PRO A 242 10.43 -17.26 18.21
N GLU A 243 10.78 -16.04 18.60
CA GLU A 243 10.60 -15.62 19.97
C GLU A 243 9.12 -15.51 20.32
N TYR A 244 8.30 -14.99 19.40
CA TYR A 244 6.88 -14.84 19.69
C TYR A 244 6.17 -16.19 19.74
N MET A 245 6.50 -17.10 18.81
CA MET A 245 5.98 -18.46 18.89
C MET A 245 6.32 -19.12 20.23
N ALA A 246 7.57 -18.97 20.68
CA ALA A 246 7.99 -19.59 21.94
C ALA A 246 7.26 -18.98 23.13
N ALA A 247 7.11 -17.66 23.15
CA ALA A 247 6.37 -17.01 24.21
C ALA A 247 4.92 -17.49 24.24
N PHE A 248 4.30 -17.67 23.07
CA PHE A 248 2.93 -18.18 23.06
C PHE A 248 2.88 -19.62 23.54
N HIS A 249 3.86 -20.43 23.16
CA HIS A 249 3.85 -21.85 23.50
C HIS A 249 4.05 -22.07 25.00
N HIS A 250 5.00 -21.36 25.60
CA HIS A 250 5.35 -21.59 27.00
C HIS A 250 4.50 -20.80 27.97
N LEU A 251 4.01 -19.61 27.57
CA LEU A 251 3.37 -18.69 28.50
C LEU A 251 1.96 -18.31 28.08
N VAL A 252 1.78 -17.64 26.94
CA VAL A 252 0.48 -17.04 26.64
C VAL A 252 -0.60 -18.11 26.57
N MET A 253 -0.34 -19.20 25.85
CA MET A 253 -1.44 -20.13 25.64
C MET A 253 -1.74 -20.98 26.88
N PRO A 254 -0.72 -21.47 27.63
CA PRO A 254 -1.06 -22.24 28.85
C PRO A 254 -1.79 -21.40 29.90
N ILE A 255 -1.33 -20.19 30.15
CA ILE A 255 -2.02 -19.30 31.10
C ILE A 255 -3.44 -19.01 30.61
N ALA A 256 -3.58 -18.66 29.33
CA ALA A 256 -4.90 -18.36 28.80
C ALA A 256 -5.85 -19.54 28.93
N ARG A 257 -5.36 -20.75 28.65
CA ARG A 257 -6.23 -21.91 28.76
C ARG A 257 -6.68 -22.13 30.20
N GLU A 258 -5.76 -21.96 31.15
CA GLU A 258 -6.12 -22.14 32.55
C GLU A 258 -7.16 -21.10 32.98
N PHE A 259 -6.96 -19.84 32.55
CA PHE A 259 -7.90 -18.76 32.87
C PHE A 259 -9.27 -19.01 32.25
N ALA A 260 -9.32 -19.71 31.11
CA ALA A 260 -10.54 -20.05 30.38
C ALA A 260 -11.37 -18.80 30.11
N PRO A 261 -10.87 -17.88 29.28
CA PRO A 261 -11.61 -16.65 29.02
C PRO A 261 -12.91 -16.93 28.29
N GLU A 262 -13.87 -16.04 28.49
CA GLU A 262 -15.12 -16.09 27.75
C GLU A 262 -15.15 -15.09 26.60
N LEU A 263 -14.17 -14.19 26.54
CA LEU A 263 -13.98 -13.27 25.43
C LEU A 263 -12.49 -12.96 25.34
N VAL A 264 -11.94 -12.92 24.13
CA VAL A 264 -10.55 -12.55 23.93
C VAL A 264 -10.48 -11.25 23.15
N LEU A 265 -9.74 -10.28 23.67
CA LEU A 265 -9.49 -9.03 22.98
C LEU A 265 -8.02 -8.97 22.65
N VAL A 266 -7.68 -8.63 21.41
CA VAL A 266 -6.29 -8.46 21.04
C VAL A 266 -6.02 -6.98 20.86
N SER A 267 -5.15 -6.43 21.69
CA SER A 267 -4.59 -5.10 21.47
C SER A 267 -3.52 -5.32 20.41
N ALA A 268 -3.96 -5.27 19.16
CA ALA A 268 -3.16 -5.73 18.02
C ALA A 268 -2.47 -4.54 17.37
N GLY A 269 -1.41 -4.06 18.03
CA GLY A 269 -0.48 -3.16 17.38
C GLY A 269 0.40 -3.96 16.44
N PHE A 270 0.75 -3.36 15.30
CA PHE A 270 1.59 -4.08 14.36
C PHE A 270 2.95 -3.41 14.22
N ASP A 271 3.44 -2.82 15.32
CA ASP A 271 4.73 -2.18 15.29
C ASP A 271 5.87 -3.11 15.72
N ALA A 272 5.57 -4.37 16.04
CA ALA A 272 6.63 -5.36 16.12
C ALA A 272 6.95 -5.97 14.76
N ALA A 273 6.33 -5.46 13.70
CA ALA A 273 6.42 -6.11 12.40
C ALA A 273 7.74 -5.77 11.73
N ARG A 274 8.25 -6.73 10.95
CA ARG A 274 9.32 -6.43 10.00
C ARG A 274 8.99 -5.16 9.20
N GLY A 275 9.93 -4.21 9.20
CA GLY A 275 9.79 -2.97 8.47
C GLY A 275 9.24 -1.79 9.26
N ASP A 276 8.82 -2.01 10.50
CA ASP A 276 8.30 -0.89 11.26
C ASP A 276 9.42 0.12 11.52
N PRO A 277 9.15 1.43 11.37
CA PRO A 277 10.21 2.42 11.58
C PRO A 277 10.55 2.66 13.05
N LEU A 278 9.72 2.20 13.99
CA LEU A 278 9.92 2.43 15.42
C LEU A 278 10.24 1.17 16.20
N GLY A 279 9.64 0.03 15.85
CA GLY A 279 9.67 -1.13 16.72
C GLY A 279 11.02 -1.83 16.73
N GLY A 280 11.68 -1.91 15.57
CA GLY A 280 12.97 -2.57 15.49
C GLY A 280 12.92 -4.08 15.54
N PHE A 281 11.75 -4.69 15.41
CA PHE A 281 11.54 -6.12 15.49
C PHE A 281 11.20 -6.67 14.10
N GLN A 282 10.97 -7.98 14.01
CA GLN A 282 10.85 -8.62 12.70
C GLN A 282 9.76 -9.68 12.66
N VAL A 283 8.65 -9.47 13.37
CA VAL A 283 7.53 -10.39 13.23
C VAL A 283 6.97 -10.27 11.82
N THR A 284 6.70 -11.41 11.19
CA THR A 284 6.22 -11.41 9.81
C THR A 284 4.70 -11.46 9.76
N PRO A 285 4.09 -11.22 8.61
CA PRO A 285 2.63 -11.40 8.53
C PRO A 285 2.23 -12.82 8.86
N GLU A 286 3.03 -13.81 8.44
CA GLU A 286 2.63 -15.18 8.76
C GLU A 286 2.78 -15.46 10.24
N GLY A 287 3.75 -14.81 10.89
CA GLY A 287 3.81 -14.83 12.35
C GLY A 287 2.53 -14.36 13.00
N TYR A 288 2.04 -13.18 12.59
CA TYR A 288 0.79 -12.68 13.19
C TYR A 288 -0.38 -13.61 12.89
N ALA A 289 -0.38 -14.21 11.71
CA ALA A 289 -1.43 -15.18 11.40
C ALA A 289 -1.39 -16.36 12.37
N HIS A 290 -0.20 -16.88 12.66
CA HIS A 290 -0.12 -18.00 13.60
C HIS A 290 -0.53 -17.58 15.00
N LEU A 291 -0.17 -16.37 15.44
CA LEU A 291 -0.62 -15.92 16.76
C LEU A 291 -2.13 -15.81 16.79
N THR A 292 -2.72 -15.26 15.73
CA THR A 292 -4.17 -15.17 15.66
C THR A 292 -4.81 -16.55 15.72
N HIS A 293 -4.28 -17.47 14.92
CA HIS A 293 -4.86 -18.81 14.84
C HIS A 293 -4.85 -19.50 16.19
N GLN A 294 -3.79 -19.29 16.97
CA GLN A 294 -3.71 -19.90 18.29
C GLN A 294 -4.76 -19.32 19.23
N LEU A 295 -4.91 -17.99 19.24
CA LEU A 295 -5.91 -17.38 20.11
C LEU A 295 -7.33 -17.82 19.77
N MET A 296 -7.58 -18.16 18.50
CA MET A 296 -8.89 -18.65 18.10
C MET A 296 -9.29 -19.95 18.79
N SER A 297 -8.35 -20.63 19.45
CA SER A 297 -8.70 -21.86 20.16
C SER A 297 -9.24 -21.59 21.55
N LEU A 298 -9.32 -20.32 21.96
CA LEU A 298 -9.82 -19.90 23.25
C LEU A 298 -11.21 -19.31 23.11
N ALA A 299 -11.96 -19.30 24.23
CA ALA A 299 -13.23 -18.59 24.33
C ALA A 299 -14.24 -19.02 23.27
N ALA A 300 -14.16 -20.28 22.84
CA ALA A 300 -15.02 -20.78 21.77
C ALA A 300 -14.90 -19.93 20.51
N GLY A 301 -13.70 -19.40 20.27
CA GLY A 301 -13.41 -18.61 19.09
C GLY A 301 -13.80 -17.16 19.19
N ARG A 302 -14.28 -16.70 20.34
CA ARG A 302 -14.77 -15.32 20.46
C ARG A 302 -13.59 -14.37 20.62
N VAL A 303 -13.04 -13.92 19.50
CA VAL A 303 -11.84 -13.09 19.43
C VAL A 303 -12.18 -11.78 18.73
N LEU A 304 -11.79 -10.66 19.34
CA LEU A 304 -11.90 -9.34 18.71
C LEU A 304 -10.51 -8.76 18.56
N ILE A 305 -10.10 -8.48 17.33
CA ILE A 305 -8.77 -7.94 17.05
C ILE A 305 -8.91 -6.43 16.90
N ILE A 306 -8.23 -5.68 17.77
CA ILE A 306 -8.35 -4.22 17.82
C ILE A 306 -7.02 -3.60 17.40
N LEU A 307 -7.04 -2.78 16.36
CA LEU A 307 -5.82 -2.11 15.92
C LEU A 307 -5.27 -1.18 17.01
N GLU A 308 -3.99 -1.30 17.32
CA GLU A 308 -3.34 -0.34 18.20
C GLU A 308 -2.32 0.45 17.38
N GLY A 309 -1.03 0.22 17.62
CA GLY A 309 0.02 0.90 16.88
C GLY A 309 0.41 0.14 15.62
N GLY A 310 1.55 0.53 15.07
CA GLY A 310 2.01 -0.01 13.81
C GLY A 310 2.09 1.08 12.76
N TYR A 311 3.28 1.31 12.19
CA TYR A 311 3.57 2.54 11.47
C TYR A 311 4.17 2.36 10.09
N ASN A 312 4.52 1.16 9.67
CA ASN A 312 4.85 0.89 8.27
C ASN A 312 3.55 0.52 7.56
N LEU A 313 3.09 1.40 6.66
CA LEU A 313 1.76 1.22 6.08
C LEU A 313 1.63 -0.10 5.34
N THR A 314 2.68 -0.52 4.63
CA THR A 314 2.63 -1.81 3.94
C THR A 314 2.62 -2.96 4.95
N SER A 315 3.49 -2.88 5.97
CA SER A 315 3.59 -3.95 6.97
C SER A 315 2.28 -4.12 7.74
N ILE A 316 1.68 -3.01 8.20
CA ILE A 316 0.47 -3.17 9.02
C ILE A 316 -0.69 -3.66 8.16
N SER A 317 -0.74 -3.25 6.88
CA SER A 317 -1.81 -3.68 6.00
C SER A 317 -1.73 -5.18 5.71
N GLU A 318 -0.53 -5.67 5.40
CA GLU A 318 -0.38 -7.10 5.20
C GLU A 318 -0.60 -7.88 6.48
N SER A 319 -0.08 -7.37 7.60
CA SER A 319 -0.13 -8.11 8.85
C SER A 319 -1.56 -8.26 9.35
N MET A 320 -2.33 -7.17 9.37
CA MET A 320 -3.66 -7.28 9.93
C MET A 320 -4.61 -7.99 8.95
N SER A 321 -4.37 -7.88 7.63
CA SER A 321 -5.16 -8.67 6.69
CA SER A 321 -5.17 -8.67 6.70
C SER A 321 -4.97 -10.17 6.91
N MET A 322 -3.73 -10.59 7.20
CA MET A 322 -3.52 -12.01 7.48
C MET A 322 -4.22 -12.45 8.76
N CYS A 323 -4.31 -11.58 9.78
CA CYS A 323 -5.11 -11.92 10.95
C CYS A 323 -6.58 -12.14 10.57
N THR A 324 -7.16 -11.24 9.77
CA THR A 324 -8.55 -11.39 9.36
C THR A 324 -8.74 -12.67 8.57
N SER A 325 -7.76 -12.99 7.73
CA SER A 325 -7.80 -14.24 6.98
C SER A 325 -7.89 -15.45 7.92
N MET A 326 -7.12 -15.45 9.02
CA MET A 326 -7.31 -16.55 9.96
C MET A 326 -8.65 -16.51 10.67
N LEU A 327 -9.14 -15.34 11.06
CA LEU A 327 -10.47 -15.30 11.67
C LEU A 327 -11.53 -15.88 10.73
N LEU A 328 -11.34 -15.69 9.42
CA LEU A 328 -12.28 -16.21 8.42
C LEU A 328 -12.16 -17.71 8.23
N GLY A 329 -11.19 -18.34 8.86
CA GLY A 329 -11.05 -19.78 8.80
C GLY A 329 -10.05 -20.28 7.80
N ASP A 330 -9.30 -19.39 7.16
CA ASP A 330 -8.27 -19.81 6.23
C ASP A 330 -7.14 -20.49 7.00
N SER A 331 -6.49 -21.44 6.34
CA SER A 331 -5.46 -22.20 7.01
C SER A 331 -4.21 -21.34 7.18
N PRO A 332 -3.47 -21.54 8.28
CA PRO A 332 -2.29 -20.72 8.55
C PRO A 332 -1.27 -20.84 7.43
N PRO A 333 -0.65 -19.74 7.03
CA PRO A 333 0.48 -19.82 6.10
C PRO A 333 1.68 -20.43 6.81
N SER A 334 2.67 -20.86 6.01
CA SER A 334 3.82 -21.53 6.58
C SER A 334 4.84 -20.49 7.06
N LEU A 335 5.32 -20.68 8.29
CA LEU A 335 6.39 -19.86 8.81
C LEU A 335 7.71 -20.24 8.15
N ASP A 336 8.66 -19.32 8.20
CA ASP A 336 10.03 -19.64 7.82
C ASP A 336 10.62 -20.56 8.89
N THR A 339 14.41 -20.97 13.59
CA THR A 339 15.74 -20.53 14.01
C THR A 339 15.81 -20.48 15.55
N PRO A 340 16.98 -20.76 16.11
CA PRO A 340 17.10 -20.80 17.57
C PRO A 340 16.79 -19.45 18.18
N LEU A 341 16.11 -19.46 19.33
CA LEU A 341 15.80 -18.23 20.04
C LEU A 341 17.06 -17.44 20.32
N LYS A 342 16.96 -16.12 20.16
CA LYS A 342 17.96 -15.23 20.73
C LYS A 342 18.09 -15.52 22.23
N THR A 343 19.33 -15.63 22.71
CA THR A 343 19.54 -16.15 24.06
C THR A 343 18.80 -15.34 25.11
N SER A 344 18.72 -14.02 24.92
CA SER A 344 18.02 -13.17 25.88
C SER A 344 16.52 -13.41 25.88
N ALA A 345 15.96 -13.93 24.79
CA ALA A 345 14.54 -14.25 24.78
C ALA A 345 14.24 -15.46 25.66
N THR A 346 15.14 -16.45 25.65
CA THR A 346 14.97 -17.58 26.56
C THR A 346 14.99 -17.12 28.01
N VAL A 347 15.89 -16.19 28.34
CA VAL A 347 15.96 -15.62 29.68
C VAL A 347 14.65 -14.94 30.04
N SER A 348 14.15 -14.08 29.16
CA SER A 348 12.89 -13.39 29.42
C SER A 348 11.76 -14.38 29.69
N ILE A 349 11.67 -15.45 28.89
CA ILE A 349 10.58 -16.39 29.06
C ILE A 349 10.72 -17.13 30.38
N ASN A 350 11.95 -17.51 30.75
CA ASN A 350 12.15 -18.19 32.03
C ASN A 350 11.84 -17.28 33.22
N ASN A 351 12.19 -15.99 33.11
CA ASN A 351 11.85 -15.03 34.17
C ASN A 351 10.34 -14.96 34.39
N VAL A 352 9.57 -14.89 33.30
CA VAL A 352 8.12 -14.87 33.42
C VAL A 352 7.62 -16.19 34.01
N LEU A 353 8.21 -17.29 33.56
CA LEU A 353 7.79 -18.62 34.02
C LEU A 353 7.91 -18.73 35.53
N ARG A 354 9.03 -18.24 36.08
CA ARG A 354 9.24 -18.27 37.52
C ARG A 354 8.30 -17.32 38.23
N ALA A 355 8.05 -16.15 37.63
CA ALA A 355 7.19 -15.15 38.27
C ALA A 355 5.73 -15.60 38.32
N HIS A 356 5.28 -16.45 37.39
CA HIS A 356 3.86 -16.77 37.33
C HIS A 356 3.49 -18.21 37.62
N ALA A 357 4.45 -19.14 37.65
CA ALA A 357 4.11 -20.51 38.07
C ALA A 357 3.49 -20.60 39.47
N PRO A 358 3.74 -19.67 40.41
CA PRO A 358 2.93 -19.71 41.65
C PRO A 358 1.44 -19.61 41.40
N PHE A 359 1.04 -18.84 40.38
CA PHE A 359 -0.37 -18.57 40.15
C PHE A 359 -1.00 -19.45 39.10
N TRP A 360 -0.21 -20.05 38.22
CA TRP A 360 -0.73 -20.84 37.11
C TRP A 360 -0.07 -22.20 37.16
N SER A 361 -0.85 -23.23 37.50
CA SER A 361 -0.29 -24.57 37.64
C SER A 361 0.14 -25.16 36.31
N SER A 362 -0.37 -24.64 35.19
CA SER A 362 0.05 -25.12 33.89
C SER A 362 1.51 -24.74 33.55
N LEU A 363 2.16 -23.91 34.35
CA LEU A 363 3.54 -23.49 34.10
C LEU A 363 4.55 -24.37 34.84
N PRO B 8 25.99 10.22 -11.47
CA PRO B 8 25.18 8.99 -11.46
C PRO B 8 23.89 9.20 -10.67
N ILE B 9 23.01 10.06 -11.18
CA ILE B 9 21.85 10.55 -10.45
C ILE B 9 20.57 10.05 -11.11
N THR B 10 19.60 9.64 -10.30
CA THR B 10 18.28 9.26 -10.79
C THR B 10 17.28 10.35 -10.41
N GLY B 11 16.54 10.85 -11.41
CA GLY B 11 15.49 11.80 -11.16
C GLY B 11 14.17 11.12 -10.85
N LEU B 12 13.33 11.81 -10.10
CA LEU B 12 11.98 11.34 -9.82
C LEU B 12 11.05 12.53 -9.84
N VAL B 13 9.93 12.42 -10.55
CA VAL B 13 8.93 13.47 -10.54
C VAL B 13 7.62 12.86 -10.06
N TYR B 14 6.96 13.57 -9.16
CA TYR B 14 5.66 13.20 -8.61
C TYR B 14 5.02 14.47 -8.10
N ASP B 15 3.72 14.64 -8.36
CA ASP B 15 3.03 15.81 -7.83
C ASP B 15 1.63 15.40 -7.42
N GLN B 16 1.26 15.68 -6.18
CA GLN B 16 -0.03 15.20 -5.69
C GLN B 16 -1.20 15.91 -6.37
N ARG B 17 -0.97 17.00 -7.08
CA ARG B 17 -2.04 17.68 -7.81
C ARG B 17 -2.65 16.77 -8.87
N MET B 18 -1.91 15.76 -9.32
CA MET B 18 -2.34 14.86 -10.37
C MET B 18 -3.35 13.85 -9.82
N MET B 19 -3.55 13.82 -8.50
CA MET B 19 -4.68 13.00 -8.00
C MET B 19 -6.03 13.69 -8.11
N LEU B 20 -6.11 14.96 -8.53
CA LEU B 20 -7.39 15.67 -8.56
C LEU B 20 -8.31 15.14 -9.66
N HIS B 21 -7.75 14.62 -10.75
CA HIS B 21 -8.55 13.97 -11.78
C HIS B 21 -9.31 12.78 -11.19
N HIS B 22 -10.64 12.75 -11.36
CA HIS B 22 -11.42 11.72 -10.68
C HIS B 22 -12.72 11.44 -11.41
N ASN B 23 -13.33 10.31 -11.06
CA ASN B 23 -14.54 9.81 -11.72
C ASN B 23 -15.73 10.13 -10.83
N MET B 24 -16.56 11.07 -11.26
CA MET B 24 -17.57 11.55 -10.33
C MET B 24 -18.79 10.64 -10.27
N TRP B 25 -18.99 9.77 -11.26
CA TRP B 25 -20.08 8.79 -11.22
C TRP B 25 -19.68 7.48 -10.56
N ASP B 26 -18.43 7.04 -10.75
CA ASP B 26 -17.91 5.78 -10.24
C ASP B 26 -16.62 6.06 -9.49
N SER B 27 -16.75 6.43 -8.22
CA SER B 27 -15.58 6.78 -7.41
C SER B 27 -14.65 5.60 -7.17
N HIS B 28 -15.10 4.37 -7.43
CA HIS B 28 -14.26 3.19 -7.32
C HIS B 28 -13.70 2.71 -8.66
N HIS B 29 -13.81 3.53 -9.72
CA HIS B 29 -13.18 3.19 -10.99
C HIS B 29 -11.68 2.92 -10.77
N PRO B 30 -11.12 1.90 -11.41
CA PRO B 30 -9.75 1.47 -11.07
C PRO B 30 -8.64 2.48 -11.38
N GLU B 31 -8.84 3.44 -12.28
CA GLU B 31 -7.85 4.49 -12.52
C GLU B 31 -8.00 5.55 -11.43
N LEU B 32 -7.56 5.16 -10.24
CA LEU B 32 -7.77 5.91 -9.00
C LEU B 32 -6.69 6.96 -8.79
N PRO B 33 -7.11 8.10 -8.22
CA PRO B 33 -6.13 9.06 -7.69
C PRO B 33 -5.01 8.43 -6.89
N GLN B 34 -5.33 7.48 -6.00
CA GLN B 34 -4.30 6.94 -5.13
C GLN B 34 -3.35 6.00 -5.85
N ARG B 35 -3.52 5.75 -7.14
CA ARG B 35 -2.48 5.02 -7.88
C ARG B 35 -1.12 5.71 -7.71
N ILE B 36 -1.07 7.03 -7.89
CA ILE B 36 0.23 7.68 -7.85
C ILE B 36 0.69 7.92 -6.41
N SER B 37 -0.22 8.23 -5.47
CA SER B 37 0.23 8.45 -4.10
C SER B 37 0.74 7.16 -3.48
N ARG B 38 0.15 6.03 -3.85
CA ARG B 38 0.63 4.75 -3.32
C ARG B 38 2.02 4.44 -3.83
N ILE B 39 2.28 4.68 -5.12
CA ILE B 39 3.62 4.41 -5.64
C ILE B 39 4.64 5.30 -4.95
N PHE B 40 4.31 6.59 -4.83
CA PHE B 40 5.18 7.54 -4.13
C PHE B 40 5.46 7.08 -2.70
N SER B 41 4.40 6.73 -1.97
CA SER B 41 4.56 6.27 -0.59
C SER B 41 5.50 5.06 -0.51
N ARG B 42 5.37 4.12 -1.46
CA ARG B 42 6.25 2.95 -1.42
C ARG B 42 7.70 3.36 -1.61
N HIS B 43 7.95 4.41 -2.41
CA HIS B 43 9.30 4.92 -2.55
C HIS B 43 9.82 5.50 -1.25
N GLU B 44 8.98 6.26 -0.53
CA GLU B 44 9.40 6.79 0.76
C GLU B 44 9.70 5.68 1.75
N GLU B 45 8.78 4.71 1.86
CA GLU B 45 8.91 3.72 2.90
C GLU B 45 10.05 2.74 2.60
N LEU B 46 10.42 2.56 1.31
CA LEU B 46 11.64 1.85 0.95
C LEU B 46 12.90 2.73 1.02
N ARG B 47 12.76 4.02 1.33
CA ARG B 47 13.89 4.96 1.38
C ARG B 47 14.59 5.09 0.03
N LEU B 48 13.82 4.94 -1.06
CA LEU B 48 14.32 5.21 -2.40
C LEU B 48 14.18 6.68 -2.75
N LEU B 49 13.19 7.38 -2.18
CA LEU B 49 12.93 8.77 -2.55
C LEU B 49 14.14 9.66 -2.24
N SER B 50 14.71 9.50 -1.04
CA SER B 50 15.87 10.31 -0.66
C SER B 50 17.10 10.02 -1.50
N ARG B 51 17.13 8.92 -2.23
CA ARG B 51 18.25 8.61 -3.11
C ARG B 51 18.09 9.23 -4.49
N CYS B 52 16.94 9.84 -4.80
CA CYS B 52 16.67 10.44 -6.09
C CYS B 52 16.73 11.95 -6.01
N HIS B 53 17.05 12.57 -7.13
CA HIS B 53 16.89 14.00 -7.28
C HIS B 53 15.46 14.30 -7.70
N ARG B 54 14.79 15.15 -6.94
CA ARG B 54 13.38 15.43 -7.20
C ARG B 54 13.27 16.45 -8.33
N ILE B 55 12.64 16.05 -9.44
CA ILE B 55 12.42 16.93 -10.58
C ILE B 55 11.05 17.56 -10.44
N PRO B 56 10.89 18.87 -10.59
CA PRO B 56 9.57 19.48 -10.38
C PRO B 56 8.63 19.21 -11.53
N ALA B 57 7.35 19.00 -11.19
CA ALA B 57 6.31 18.95 -12.20
C ALA B 57 6.10 20.34 -12.82
N ARG B 58 5.52 20.35 -14.02
CA ARG B 58 5.07 21.59 -14.64
C ARG B 58 3.94 21.27 -15.60
N LEU B 59 3.16 22.30 -15.93
CA LEU B 59 2.14 22.18 -16.97
C LEU B 59 2.78 22.18 -18.34
N ALA B 60 2.43 21.20 -19.18
CA ALA B 60 2.71 21.31 -20.60
C ALA B 60 1.98 22.54 -21.17
N THR B 61 2.56 23.14 -22.20
CA THR B 61 1.90 24.23 -22.88
C THR B 61 1.07 23.71 -24.03
N GLU B 62 0.12 24.52 -24.49
CA GLU B 62 -0.68 24.13 -25.64
C GLU B 62 0.17 23.95 -26.89
N GLU B 63 1.24 24.75 -27.02
CA GLU B 63 2.14 24.57 -28.16
C GLU B 63 2.84 23.22 -28.08
N GLU B 64 3.19 22.78 -26.87
CA GLU B 64 3.79 21.46 -26.71
C GLU B 64 2.79 20.35 -27.01
N LEU B 65 1.53 20.52 -26.59
CA LEU B 65 0.53 19.51 -26.95
C LEU B 65 0.43 19.35 -28.46
N ALA B 66 0.59 20.43 -29.20
CA ALA B 66 0.42 20.38 -30.66
C ALA B 66 1.54 19.61 -31.35
N LEU B 67 2.59 19.22 -30.63
CA LEU B 67 3.59 18.33 -31.22
C LEU B 67 2.97 17.03 -31.70
N CYS B 68 1.90 16.58 -31.04
CA CYS B 68 1.23 15.32 -31.39
C CYS B 68 -0.28 15.42 -31.56
N HIS B 69 -0.93 16.48 -31.08
CA HIS B 69 -2.39 16.51 -31.05
C HIS B 69 -2.94 17.67 -31.87
N SER B 70 -4.11 17.43 -32.46
CA SER B 70 -4.77 18.42 -33.30
C SER B 70 -5.31 19.58 -32.45
N SER B 71 -5.46 20.75 -33.06
CA SER B 71 -6.01 21.87 -32.30
C SER B 71 -7.44 21.58 -31.80
N LYS B 72 -8.23 20.85 -32.58
CA LYS B 72 -9.60 20.56 -32.14
C LYS B 72 -9.58 19.72 -30.88
N HIS B 73 -8.77 18.66 -30.86
CA HIS B 73 -8.66 17.82 -29.66
C HIS B 73 -8.18 18.63 -28.46
N ILE B 74 -7.13 19.44 -28.63
CA ILE B 74 -6.65 20.22 -27.50
C ILE B 74 -7.74 21.15 -26.98
N SER B 75 -8.48 21.80 -27.88
CA SER B 75 -9.47 22.78 -27.43
C SER B 75 -10.61 22.10 -26.67
N ILE B 76 -11.03 20.93 -27.11
CA ILE B 76 -12.20 20.34 -26.47
C ILE B 76 -11.85 19.83 -25.07
N ILE B 77 -10.69 19.18 -24.92
CA ILE B 77 -10.25 18.77 -23.58
C ILE B 77 -9.99 19.99 -22.70
N LYS B 78 -9.33 21.01 -23.26
CA LYS B 78 -9.13 22.25 -22.51
C LYS B 78 -10.45 22.80 -21.99
N SER B 79 -11.50 22.76 -22.82
CA SER B 79 -12.77 23.33 -22.44
C SER B 79 -13.44 22.57 -21.29
N SER B 80 -13.07 21.31 -21.07
CA SER B 80 -13.70 20.55 -20.00
C SER B 80 -13.39 21.12 -18.63
N GLU B 81 -12.34 21.93 -18.51
CA GLU B 81 -12.01 22.54 -17.21
C GLU B 81 -13.16 23.36 -16.66
N HIS B 82 -13.99 23.95 -17.53
CA HIS B 82 -15.08 24.81 -17.07
C HIS B 82 -16.45 24.20 -17.31
N MET B 83 -16.52 22.94 -17.75
CA MET B 83 -17.80 22.32 -18.06
C MET B 83 -18.63 22.03 -16.81
N LYS B 84 -19.94 21.99 -17.02
CA LYS B 84 -20.89 21.53 -16.03
C LYS B 84 -20.91 20.00 -16.02
N PRO B 85 -21.32 19.40 -14.91
CA PRO B 85 -21.32 17.92 -14.83
C PRO B 85 -21.99 17.23 -16.00
N ARG B 86 -23.15 17.71 -16.47
CA ARG B 86 -23.79 17.06 -17.61
C ARG B 86 -22.91 17.14 -18.83
N ASP B 87 -22.27 18.30 -19.05
CA ASP B 87 -21.33 18.44 -20.15
C ASP B 87 -20.18 17.45 -20.04
N LEU B 88 -19.65 17.27 -18.83
CA LEU B 88 -18.54 16.34 -18.61
C LEU B 88 -18.96 14.91 -18.88
N ASN B 89 -20.14 14.52 -18.39
CA ASN B 89 -20.63 13.17 -18.61
C ASN B 89 -20.77 12.87 -20.09
N ARG B 90 -21.43 13.77 -20.82
CA ARG B 90 -21.70 13.52 -22.22
C ARG B 90 -20.41 13.51 -23.02
N LEU B 91 -19.48 14.43 -22.69
CA LEU B 91 -18.23 14.47 -23.44
C LEU B 91 -17.44 13.19 -23.23
N GLY B 92 -17.30 12.77 -21.96
CA GLY B 92 -16.64 11.51 -21.68
C GLY B 92 -17.25 10.35 -22.44
N ASP B 93 -18.59 10.33 -22.55
CA ASP B 93 -19.23 9.20 -23.22
C ASP B 93 -19.08 9.23 -24.73
N GLU B 94 -18.58 10.32 -25.32
CA GLU B 94 -18.23 10.33 -26.74
C GLU B 94 -17.00 9.48 -27.03
N TYR B 95 -16.16 9.23 -26.03
CA TYR B 95 -14.92 8.49 -26.23
C TYR B 95 -15.06 7.06 -25.73
N ASN B 96 -14.11 6.23 -26.13
CA ASN B 96 -14.02 4.85 -25.66
C ASN B 96 -13.34 4.86 -24.30
N SER B 97 -14.10 4.63 -23.22
CA SER B 97 -13.58 4.44 -21.87
C SER B 97 -12.85 5.68 -21.34
N ILE B 98 -13.59 6.76 -21.21
CA ILE B 98 -13.06 8.01 -20.66
C ILE B 98 -14.01 8.54 -19.60
N PHE B 99 -13.48 8.96 -18.44
CA PHE B 99 -14.21 9.81 -17.51
C PHE B 99 -13.47 11.14 -17.38
N ILE B 100 -14.22 12.23 -17.18
CA ILE B 100 -13.66 13.57 -17.11
C ILE B 100 -14.21 14.30 -15.90
N SER B 101 -13.35 15.06 -15.21
CA SER B 101 -13.75 16.01 -14.17
C SER B 101 -13.14 17.37 -14.52
N ASN B 102 -13.49 18.39 -13.73
CA ASN B 102 -12.99 19.72 -14.04
C ASN B 102 -11.48 19.84 -13.87
N GLU B 103 -10.84 18.89 -13.22
CA GLU B 103 -9.39 18.89 -13.00
C GLU B 103 -8.63 18.02 -14.00
N SER B 104 -9.34 17.34 -14.90
CA SER B 104 -8.71 16.38 -15.80
C SER B 104 -7.69 17.04 -16.73
N TYR B 105 -8.09 18.15 -17.36
CA TYR B 105 -7.18 18.84 -18.27
C TYR B 105 -5.88 19.22 -17.58
N THR B 106 -5.97 19.89 -16.43
CA THR B 106 -4.77 20.29 -15.71
C THR B 106 -3.92 19.09 -15.32
N CYS B 107 -4.55 17.98 -14.91
CA CYS B 107 -3.76 16.81 -14.54
C CYS B 107 -3.06 16.21 -15.75
N ALA B 108 -3.72 16.18 -16.91
CA ALA B 108 -3.08 15.69 -18.12
C ALA B 108 -1.91 16.59 -18.50
N LEU B 109 -2.08 17.92 -18.35
CA LEU B 109 -0.98 18.84 -18.59
C LEU B 109 0.20 18.57 -17.66
N LEU B 110 -0.10 18.32 -16.38
CA LEU B 110 0.96 18.07 -15.41
C LEU B 110 1.70 16.78 -15.71
N ALA B 111 0.98 15.74 -16.15
CA ALA B 111 1.64 14.48 -16.47
C ALA B 111 2.62 14.66 -17.61
N ALA B 112 2.19 15.35 -18.67
CA ALA B 112 3.05 15.59 -19.82
C ALA B 112 4.24 16.48 -19.44
N GLY B 113 3.98 17.61 -18.78
CA GLY B 113 5.08 18.53 -18.43
C GLY B 113 6.05 17.93 -17.44
N SER B 114 5.58 17.06 -16.56
CA SER B 114 6.49 16.34 -15.66
C SER B 114 7.48 15.50 -16.47
N CYS B 115 6.99 14.82 -17.49
CA CYS B 115 7.86 14.00 -18.32
C CYS B 115 8.79 14.85 -19.17
N PHE B 116 8.33 16.02 -19.64
CA PHE B 116 9.21 16.92 -20.38
C PHE B 116 10.38 17.36 -19.50
N ASN B 117 10.08 17.78 -18.27
CA ASN B 117 11.17 18.20 -17.38
C ASN B 117 12.14 17.05 -17.13
N SER B 118 11.61 15.82 -17.00
CA SER B 118 12.47 14.66 -16.76
C SER B 118 13.32 14.35 -17.99
N ALA B 119 12.72 14.41 -19.18
CA ALA B 119 13.51 14.22 -20.39
C ALA B 119 14.58 15.31 -20.54
N GLN B 120 14.22 16.56 -20.23
CA GLN B 120 15.19 17.64 -20.29
C GLN B 120 16.35 17.40 -19.34
N ALA B 121 16.05 16.93 -18.13
CA ALA B 121 17.10 16.69 -17.15
C ALA B 121 18.02 15.58 -17.62
N ILE B 122 17.46 14.56 -18.29
CA ILE B 122 18.28 13.49 -18.83
C ILE B 122 19.15 14.00 -19.98
N LEU B 123 18.54 14.74 -20.92
CA LEU B 123 19.25 15.15 -22.12
C LEU B 123 20.25 16.26 -21.87
N THR B 124 20.11 17.01 -20.79
CA THR B 124 21.12 18.01 -20.46
C THR B 124 22.18 17.47 -19.52
N GLY B 125 22.14 16.18 -19.19
CA GLY B 125 23.13 15.57 -18.34
C GLY B 125 23.00 15.87 -16.86
N GLN B 126 21.85 16.35 -16.40
CA GLN B 126 21.69 16.63 -14.99
C GLN B 126 21.35 15.38 -14.18
N VAL B 127 20.64 14.43 -14.78
CA VAL B 127 20.42 13.09 -14.24
C VAL B 127 20.76 12.08 -15.33
N ARG B 128 21.13 10.87 -14.89
CA ARG B 128 21.38 9.79 -15.83
C ARG B 128 20.07 9.20 -16.36
N ASN B 129 19.09 9.04 -15.48
CA ASN B 129 17.82 8.40 -15.79
C ASN B 129 16.77 8.98 -14.84
N ALA B 130 15.52 8.55 -15.02
CA ALA B 130 14.47 9.13 -14.18
C ALA B 130 13.21 8.29 -14.25
N VAL B 131 12.34 8.52 -13.27
CA VAL B 131 11.05 7.86 -13.18
C VAL B 131 9.99 8.93 -12.98
N ALA B 132 8.83 8.75 -13.61
CA ALA B 132 7.76 9.74 -13.63
C ALA B 132 6.48 9.08 -13.13
N ILE B 133 6.02 9.49 -11.95
CA ILE B 133 4.87 8.88 -11.29
C ILE B 133 3.69 9.81 -11.60
N VAL B 134 2.99 9.54 -12.71
CA VAL B 134 2.05 10.50 -13.28
C VAL B 134 0.72 9.83 -13.59
N ARG B 135 -0.36 10.61 -13.54
CA ARG B 135 -1.65 10.21 -14.07
C ARG B 135 -2.40 11.47 -14.50
N PRO B 136 -3.40 11.35 -15.41
CA PRO B 136 -3.86 10.16 -16.16
C PRO B 136 -2.81 9.64 -17.12
N PRO B 137 -2.95 8.37 -17.52
CA PRO B 137 -1.99 7.77 -18.47
C PRO B 137 -2.10 8.36 -19.87
N GLY B 138 -1.30 7.84 -20.81
CA GLY B 138 -1.26 8.46 -22.11
C GLY B 138 -1.30 7.59 -23.37
N HIS B 139 -0.93 6.31 -23.31
CA HIS B 139 -0.55 5.65 -24.56
C HIS B 139 -1.73 5.33 -25.46
N HIS B 140 -2.97 5.36 -24.95
CA HIS B 140 -4.14 5.17 -25.79
C HIS B 140 -4.59 6.45 -26.48
N ALA B 141 -4.08 7.62 -26.06
CA ALA B 141 -4.50 8.88 -26.66
C ALA B 141 -4.00 9.01 -28.10
N GLU B 142 -4.92 9.38 -29.00
CA GLU B 142 -4.62 9.53 -30.42
C GLU B 142 -4.40 11.01 -30.75
N LYS B 143 -3.88 11.27 -31.97
CA LYS B 143 -3.71 12.64 -32.40
C LYS B 143 -4.97 13.46 -32.16
N ASP B 144 -6.14 12.92 -32.51
CA ASP B 144 -7.39 13.67 -32.52
C ASP B 144 -8.43 13.17 -31.52
N THR B 145 -8.10 12.25 -30.63
CA THR B 145 -9.14 11.79 -29.71
C THR B 145 -8.55 11.22 -28.42
N ALA B 146 -9.35 11.27 -27.36
CA ALA B 146 -9.03 10.64 -26.09
C ALA B 146 -9.55 9.21 -26.09
N CYS B 147 -8.92 8.35 -25.29
CA CYS B 147 -9.24 6.93 -25.34
C CYS B 147 -8.60 6.23 -24.15
N GLY B 148 -9.33 5.29 -23.56
CA GLY B 148 -8.75 4.35 -22.61
C GLY B 148 -8.07 5.00 -21.43
N PHE B 149 -8.77 5.93 -20.79
CA PHE B 149 -8.36 6.67 -19.62
C PHE B 149 -7.29 7.71 -19.94
N CYS B 150 -6.97 7.94 -21.22
CA CYS B 150 -5.87 8.81 -21.63
C CYS B 150 -6.40 9.98 -22.44
N PHE B 151 -5.91 11.19 -22.13
CA PHE B 151 -6.28 12.43 -22.82
C PHE B 151 -5.23 12.88 -23.84
N PHE B 152 -3.97 12.96 -23.42
CA PHE B 152 -2.87 13.31 -24.31
C PHE B 152 -1.81 12.23 -24.19
N ASN B 153 -1.07 11.99 -25.27
CA ASN B 153 -0.14 10.85 -25.29
C ASN B 153 1.18 11.32 -24.70
N THR B 154 1.29 11.18 -23.38
CA THR B 154 2.44 11.67 -22.63
C THR B 154 3.76 11.15 -23.20
N ALA B 155 3.85 9.84 -23.45
CA ALA B 155 5.10 9.28 -23.97
C ALA B 155 5.42 9.82 -25.36
N ALA B 156 4.42 9.86 -26.25
CA ALA B 156 4.66 10.36 -27.60
C ALA B 156 5.08 11.84 -27.57
N LEU B 157 4.37 12.64 -26.77
CA LEU B 157 4.75 14.04 -26.62
C LEU B 157 6.18 14.19 -26.11
N THR B 158 6.58 13.34 -25.16
CA THR B 158 7.92 13.46 -24.59
C THR B 158 8.98 13.15 -25.64
N ALA B 159 8.72 12.16 -26.50
CA ALA B 159 9.64 11.90 -27.60
C ALA B 159 9.80 13.12 -28.51
N ARG B 160 8.69 13.74 -28.91
CA ARG B 160 8.76 14.94 -29.75
C ARG B 160 9.34 16.13 -28.99
N TYR B 161 9.03 16.26 -27.69
CA TYR B 161 9.68 17.31 -26.91
C TYR B 161 11.19 17.12 -26.90
N ALA B 162 11.64 15.88 -26.67
CA ALA B 162 13.07 15.58 -26.65
C ALA B 162 13.72 15.96 -27.96
N GLN B 163 13.09 15.61 -29.08
CA GLN B 163 13.61 16.01 -30.38
C GLN B 163 13.65 17.54 -30.52
N SER B 164 12.67 18.23 -29.93
CA SER B 164 12.60 19.67 -30.10
C SER B 164 13.70 20.41 -29.34
N ILE B 165 14.29 19.81 -28.30
CA ILE B 165 15.38 20.45 -27.56
C ILE B 165 16.73 19.86 -27.90
N THR B 166 16.79 18.91 -28.83
CA THR B 166 18.06 18.36 -29.27
C THR B 166 18.17 18.50 -30.79
N ARG B 167 17.78 17.47 -31.53
CA ARG B 167 17.66 17.58 -32.97
C ARG B 167 16.47 16.76 -33.44
N GLU B 168 15.86 17.20 -34.55
CA GLU B 168 14.62 16.60 -35.00
C GLU B 168 14.72 15.08 -35.19
N SER B 169 15.88 14.59 -35.58
CA SER B 169 16.05 13.17 -35.88
C SER B 169 16.58 12.36 -34.71
N LEU B 170 16.62 12.94 -33.52
CA LEU B 170 17.08 12.22 -32.33
C LEU B 170 16.35 10.87 -32.23
N ARG B 171 17.12 9.80 -32.09
CA ARG B 171 16.56 8.44 -32.12
C ARG B 171 15.99 8.13 -30.75
N VAL B 172 14.67 8.02 -30.67
CA VAL B 172 13.98 7.71 -29.42
C VAL B 172 13.38 6.32 -29.55
N LEU B 173 13.69 5.44 -28.60
CA LEU B 173 13.01 4.16 -28.46
C LEU B 173 11.92 4.30 -27.41
N ILE B 174 10.69 3.86 -27.74
CA ILE B 174 9.62 3.73 -26.77
C ILE B 174 9.31 2.25 -26.59
N VAL B 175 9.54 1.73 -25.39
CA VAL B 175 9.17 0.37 -25.04
C VAL B 175 7.92 0.43 -24.19
N ASP B 176 6.85 -0.19 -24.66
CA ASP B 176 5.54 -0.11 -24.02
C ASP B 176 5.24 -1.48 -23.43
N TRP B 177 5.47 -1.63 -22.12
CA TRP B 177 5.19 -2.91 -21.48
C TRP B 177 3.89 -2.91 -20.66
N ASP B 178 3.10 -1.84 -20.74
CA ASP B 178 1.71 -1.92 -20.30
C ASP B 178 1.05 -3.14 -20.96
N VAL B 179 0.13 -3.80 -20.25
CA VAL B 179 -0.44 -5.03 -20.82
C VAL B 179 -1.31 -4.74 -22.04
N HIS B 180 -1.70 -3.48 -22.24
CA HIS B 180 -2.51 -3.09 -23.39
C HIS B 180 -1.65 -2.49 -24.48
N HIS B 181 -2.09 -2.68 -25.73
CA HIS B 181 -1.43 -2.07 -26.86
C HIS B 181 -1.57 -0.56 -26.80
N GLY B 182 -0.46 0.15 -26.98
CA GLY B 182 -0.52 1.60 -27.09
C GLY B 182 -0.94 2.08 -28.46
N ASN B 183 -2.24 2.01 -28.76
CA ASN B 183 -2.70 2.31 -30.11
C ASN B 183 -2.30 3.72 -30.51
N GLY B 184 -2.47 4.67 -29.60
CA GLY B 184 -2.14 6.06 -29.93
C GLY B 184 -0.68 6.24 -30.24
N THR B 185 0.20 5.60 -29.45
CA THR B 185 1.62 5.74 -29.72
C THR B 185 2.01 5.13 -31.05
N GLN B 186 1.48 3.94 -31.37
CA GLN B 186 1.76 3.35 -32.66
C GLN B 186 1.35 4.27 -33.80
N HIS B 187 0.13 4.79 -33.71
CA HIS B 187 -0.38 5.62 -34.80
C HIS B 187 0.41 6.90 -34.94
N ILE B 188 0.76 7.55 -33.82
CA ILE B 188 1.48 8.82 -33.89
C ILE B 188 2.79 8.64 -34.64
N PHE B 189 3.47 7.52 -34.45
CA PHE B 189 4.78 7.33 -35.06
C PHE B 189 4.78 6.31 -36.20
N GLU B 190 3.61 5.93 -36.70
CA GLU B 190 3.53 4.86 -37.69
CA GLU B 190 3.55 4.85 -37.68
C GLU B 190 4.41 5.12 -38.91
N GLU B 191 4.55 6.39 -39.31
CA GLU B 191 5.30 6.74 -40.50
C GLU B 191 6.69 7.27 -40.19
N ASP B 192 7.18 7.04 -38.98
CA ASP B 192 8.36 7.72 -38.45
C ASP B 192 9.48 6.73 -38.19
N ASP B 193 10.67 6.99 -38.73
CA ASP B 193 11.82 6.14 -38.45
C ASP B 193 12.72 6.72 -37.36
N SER B 194 12.40 7.89 -36.82
CA SER B 194 13.18 8.44 -35.72
C SER B 194 12.72 7.93 -34.37
N VAL B 195 11.52 7.38 -34.28
CA VAL B 195 10.93 6.90 -33.04
C VAL B 195 10.53 5.45 -33.25
N LEU B 196 11.30 4.53 -32.67
CA LEU B 196 11.03 3.11 -32.76
C LEU B 196 10.08 2.75 -31.62
N TYR B 197 8.90 2.22 -31.97
CA TYR B 197 7.88 1.84 -31.01
C TYR B 197 7.87 0.32 -30.87
N ILE B 198 8.08 -0.19 -29.66
CA ILE B 198 8.02 -1.62 -29.37
C ILE B 198 6.99 -1.82 -28.25
N SER B 199 5.93 -2.58 -28.54
CA SER B 199 4.89 -2.87 -27.57
C SER B 199 4.77 -4.38 -27.36
N LEU B 200 4.69 -4.78 -26.08
CA LEU B 200 4.29 -6.12 -25.68
C LEU B 200 2.89 -5.97 -25.12
N HIS B 201 1.97 -6.87 -25.49
CA HIS B 201 0.60 -6.66 -25.04
C HIS B 201 -0.23 -7.94 -25.16
N ARG B 202 -1.16 -8.10 -24.23
CA ARG B 202 -2.18 -9.13 -24.39
C ARG B 202 -3.07 -8.79 -25.58
N TYR B 203 -3.18 -9.72 -26.52
CA TYR B 203 -3.91 -9.48 -27.75
C TYR B 203 -5.17 -10.33 -27.87
N GLU B 204 -5.03 -11.66 -27.73
CA GLU B 204 -6.16 -12.58 -27.81
C GLU B 204 -6.89 -12.42 -29.14
N ASP B 205 -6.11 -12.40 -30.22
CA ASP B 205 -6.64 -12.32 -31.58
C ASP B 205 -7.55 -11.11 -31.79
N GLY B 206 -7.25 -10.02 -31.09
CA GLY B 206 -8.01 -8.81 -31.21
C GLY B 206 -9.11 -8.61 -30.20
N ALA B 207 -9.32 -9.57 -29.30
CA ALA B 207 -10.44 -9.51 -28.36
C ALA B 207 -10.15 -8.66 -27.12
N PHE B 208 -8.87 -8.41 -26.82
CA PHE B 208 -8.50 -7.67 -25.62
C PHE B 208 -8.43 -6.17 -25.93
N PHE B 209 -8.84 -5.35 -24.96
CA PHE B 209 -8.79 -3.89 -25.13
C PHE B 209 -7.40 -3.48 -25.60
N PRO B 210 -7.28 -2.56 -26.57
CA PRO B 210 -8.33 -1.72 -27.19
C PRO B 210 -9.04 -2.35 -28.39
N ASN B 211 -8.96 -3.67 -28.56
CA ASN B 211 -9.88 -4.44 -29.43
C ASN B 211 -9.66 -4.15 -30.91
N SER B 212 -8.41 -4.03 -31.34
CA SER B 212 -8.10 -3.72 -32.74
C SER B 212 -7.00 -4.62 -33.27
N GLU B 213 -7.16 -5.09 -34.51
CA GLU B 213 -6.08 -5.82 -35.16
C GLU B 213 -4.88 -4.95 -35.51
N ASP B 214 -4.95 -3.64 -35.25
CA ASP B 214 -3.74 -2.82 -35.36
C ASP B 214 -2.64 -3.34 -34.45
N ALA B 215 -2.98 -4.03 -33.38
CA ALA B 215 -1.99 -4.51 -32.44
C ALA B 215 -1.28 -5.78 -32.88
N ASN B 216 -1.60 -6.35 -34.06
CA ASN B 216 -1.00 -7.62 -34.42
C ASN B 216 0.45 -7.45 -34.89
N TYR B 217 1.19 -8.58 -34.94
CA TYR B 217 2.62 -8.54 -35.23
C TYR B 217 2.92 -8.10 -36.67
N ASP B 218 1.93 -8.12 -37.56
CA ASP B 218 2.22 -7.81 -38.95
C ASP B 218 2.12 -6.34 -39.25
N LYS B 219 1.81 -5.51 -38.25
CA LYS B 219 1.84 -4.06 -38.43
C LYS B 219 3.26 -3.61 -38.10
N VAL B 220 4.07 -3.42 -39.14
CA VAL B 220 5.50 -3.17 -38.97
C VAL B 220 5.88 -1.71 -39.19
N GLY B 221 4.90 -0.84 -39.39
CA GLY B 221 5.16 0.55 -39.74
C GLY B 221 4.84 0.83 -41.21
N LEU B 222 4.66 2.12 -41.51
CA LEU B 222 4.22 2.55 -42.83
C LEU B 222 5.18 3.59 -43.41
N GLY B 223 5.38 3.54 -44.72
CA GLY B 223 6.17 4.57 -45.38
C GLY B 223 7.60 4.54 -44.87
N LYS B 224 8.13 5.72 -44.54
CA LYS B 224 9.47 5.80 -43.98
C LYS B 224 9.59 5.02 -42.69
N GLY B 225 8.46 4.72 -42.04
CA GLY B 225 8.45 4.01 -40.78
C GLY B 225 8.45 2.51 -40.87
N ARG B 226 8.49 1.92 -42.07
CA ARG B 226 8.43 0.47 -42.18
C ARG B 226 9.63 -0.15 -41.48
N GLY B 227 9.35 -1.04 -40.51
CA GLY B 227 10.34 -1.65 -39.67
C GLY B 227 10.46 -1.04 -38.29
N TYR B 228 9.90 0.15 -38.09
CA TYR B 228 10.07 0.89 -36.84
C TYR B 228 8.85 0.81 -35.94
N ASN B 229 7.99 -0.19 -36.14
CA ASN B 229 6.87 -0.48 -35.26
C ASN B 229 6.88 -1.99 -35.03
N VAL B 230 7.02 -2.40 -33.77
CA VAL B 230 7.24 -3.80 -33.40
C VAL B 230 6.16 -4.16 -32.39
N ASN B 231 5.17 -4.95 -32.82
CA ASN B 231 4.10 -5.43 -31.94
C ASN B 231 4.41 -6.86 -31.53
N ILE B 232 4.39 -7.11 -30.23
CA ILE B 232 4.61 -8.46 -29.69
C ILE B 232 3.30 -8.88 -29.02
N PRO B 233 2.38 -9.51 -29.74
CA PRO B 233 1.06 -9.79 -29.19
C PRO B 233 0.96 -11.17 -28.56
N TRP B 234 0.38 -11.27 -27.36
CA TRP B 234 0.20 -12.53 -26.64
C TRP B 234 -1.21 -13.07 -26.83
N ASN B 235 -1.30 -14.39 -27.03
CA ASN B 235 -2.57 -15.08 -27.18
C ASN B 235 -2.58 -16.33 -26.32
N GLY B 236 -3.72 -16.59 -25.68
CA GLY B 236 -3.94 -17.86 -24.99
C GLY B 236 -2.86 -18.24 -24.01
N GLY B 237 -2.70 -17.44 -22.97
CA GLY B 237 -1.76 -17.79 -21.93
C GLY B 237 -1.70 -16.71 -20.86
N LYS B 238 -1.54 -17.12 -19.61
CA LYS B 238 -1.31 -16.21 -18.48
C LYS B 238 0.19 -15.91 -18.49
N MET B 239 0.57 -14.92 -19.27
CA MET B 239 1.98 -14.65 -19.51
C MET B 239 2.63 -14.01 -18.28
N GLY B 240 3.92 -14.26 -18.12
CA GLY B 240 4.65 -13.75 -16.99
C GLY B 240 6.12 -13.60 -17.29
N ASP B 241 6.94 -13.64 -16.24
CA ASP B 241 8.36 -13.38 -16.38
C ASP B 241 9.04 -14.21 -17.46
N PRO B 242 8.82 -15.53 -17.57
CA PRO B 242 9.55 -16.27 -18.61
C PRO B 242 9.25 -15.77 -20.01
N GLU B 243 7.99 -15.42 -20.28
CA GLU B 243 7.62 -14.95 -21.60
C GLU B 243 8.22 -13.58 -21.89
N TYR B 244 8.14 -12.67 -20.90
CA TYR B 244 8.67 -11.34 -21.12
C TYR B 244 10.18 -11.37 -21.26
N MET B 245 10.86 -12.22 -20.47
CA MET B 245 12.30 -12.29 -20.60
C MET B 245 12.69 -12.85 -21.97
N ALA B 246 11.94 -13.84 -22.44
CA ALA B 246 12.19 -14.40 -23.78
C ALA B 246 11.97 -13.36 -24.86
N ALA B 247 10.88 -12.59 -24.77
CA ALA B 247 10.64 -11.55 -25.76
C ALA B 247 11.74 -10.51 -25.74
N PHE B 248 12.25 -10.16 -24.56
CA PHE B 248 13.36 -9.21 -24.49
C PHE B 248 14.64 -9.81 -25.07
N HIS B 249 14.89 -11.09 -24.83
CA HIS B 249 16.12 -11.72 -25.33
C HIS B 249 16.10 -11.83 -26.85
N HIS B 250 14.97 -12.27 -27.41
CA HIS B 250 14.90 -12.56 -28.84
C HIS B 250 14.55 -11.35 -29.71
N LEU B 251 13.83 -10.38 -29.16
CA LEU B 251 13.28 -9.29 -29.98
C LEU B 251 13.68 -7.92 -29.47
N VAL B 252 13.27 -7.54 -28.25
CA VAL B 252 13.38 -6.15 -27.82
C VAL B 252 14.84 -5.70 -27.80
N MET B 253 15.70 -6.42 -27.09
CA MET B 253 17.09 -5.98 -27.05
C MET B 253 17.88 -6.12 -28.35
N PRO B 254 17.78 -7.22 -29.10
CA PRO B 254 18.45 -7.23 -30.42
C PRO B 254 18.03 -6.07 -31.31
N ILE B 255 16.73 -5.79 -31.40
CA ILE B 255 16.26 -4.69 -32.24
C ILE B 255 16.74 -3.36 -31.68
N ALA B 256 16.56 -3.14 -30.38
CA ALA B 256 16.92 -1.86 -29.79
C ALA B 256 18.40 -1.56 -29.96
N ARG B 257 19.25 -2.58 -29.79
N ARG B 257 19.25 -2.58 -29.80
CA ARG B 257 20.69 -2.38 -29.96
CA ARG B 257 20.69 -2.38 -29.96
C ARG B 257 21.01 -1.95 -31.39
C ARG B 257 21.02 -1.96 -31.39
N GLU B 258 20.37 -2.58 -32.38
CA GLU B 258 20.64 -2.24 -33.77
C GLU B 258 20.17 -0.81 -34.07
N PHE B 259 19.02 -0.42 -33.52
CA PHE B 259 18.49 0.93 -33.68
C PHE B 259 19.40 1.97 -33.03
N ALA B 260 20.03 1.62 -31.91
CA ALA B 260 20.96 2.48 -31.20
C ALA B 260 20.27 3.77 -30.75
N PRO B 261 19.27 3.67 -29.88
CA PRO B 261 18.56 4.89 -29.46
C PRO B 261 19.48 5.82 -28.69
N GLU B 262 19.14 7.11 -28.74
CA GLU B 262 19.80 8.13 -27.95
C GLU B 262 19.00 8.49 -26.70
N LEU B 263 17.75 8.04 -26.63
CA LEU B 263 16.90 8.20 -25.45
C LEU B 263 15.94 7.02 -25.43
N VAL B 264 15.68 6.47 -24.25
CA VAL B 264 14.72 5.38 -24.10
C VAL B 264 13.59 5.87 -23.20
N LEU B 265 12.36 5.79 -23.69
CA LEU B 265 11.19 6.05 -22.88
C LEU B 265 10.49 4.73 -22.63
N VAL B 266 10.07 4.48 -21.40
CA VAL B 266 9.30 3.27 -21.11
C VAL B 266 7.88 3.71 -20.84
N SER B 267 6.95 3.24 -21.67
CA SER B 267 5.53 3.34 -21.33
C SER B 267 5.28 2.20 -20.35
N ALA B 268 5.51 2.52 -19.07
CA ALA B 268 5.57 1.51 -18.00
C ALA B 268 4.21 1.44 -17.30
N GLY B 269 3.26 0.80 -17.98
CA GLY B 269 2.07 0.34 -17.29
C GLY B 269 2.42 -0.88 -16.47
N PHE B 270 1.77 -1.03 -15.32
CA PHE B 270 2.04 -2.21 -14.51
C PHE B 270 0.80 -3.09 -14.39
N ASP B 271 -0.01 -3.12 -15.45
CA ASP B 271 -1.18 -3.98 -15.44
C ASP B 271 -0.92 -5.37 -15.99
N ALA B 272 0.30 -5.66 -16.44
CA ALA B 272 0.66 -7.06 -16.65
C ALA B 272 1.12 -7.73 -15.35
N ALA B 273 1.01 -7.04 -14.23
CA ALA B 273 1.57 -7.53 -12.98
C ALA B 273 0.70 -8.60 -12.33
N ARG B 274 1.35 -9.57 -11.70
CA ARG B 274 0.64 -10.49 -10.81
C ARG B 274 -0.26 -9.70 -9.87
N GLY B 275 -1.53 -10.07 -9.84
CA GLY B 275 -2.50 -9.41 -8.97
C GLY B 275 -3.32 -8.31 -9.61
N ASP B 276 -3.01 -7.90 -10.84
CA ASP B 276 -3.80 -6.85 -11.47
C ASP B 276 -5.23 -7.34 -11.69
N PRO B 277 -6.24 -6.52 -11.40
CA PRO B 277 -7.64 -6.96 -11.58
C PRO B 277 -8.08 -7.07 -13.03
N LEU B 278 -7.33 -6.50 -13.98
CA LEU B 278 -7.72 -6.41 -15.38
C LEU B 278 -6.82 -7.19 -16.32
N GLY B 279 -5.50 -7.17 -16.10
CA GLY B 279 -4.58 -7.68 -17.10
C GLY B 279 -4.61 -9.20 -17.23
N GLY B 280 -4.73 -9.90 -16.11
CA GLY B 280 -4.76 -11.35 -16.13
C GLY B 280 -3.41 -12.02 -16.34
N PHE B 281 -2.32 -11.28 -16.15
CA PHE B 281 -0.96 -11.76 -16.33
C PHE B 281 -0.25 -11.82 -14.97
N GLN B 282 1.01 -12.27 -14.98
CA GLN B 282 1.68 -12.54 -13.72
C GLN B 282 3.15 -12.15 -13.77
N VAL B 283 3.47 -11.02 -14.40
CA VAL B 283 4.81 -10.47 -14.28
C VAL B 283 5.03 -10.04 -12.83
N THR B 284 6.18 -10.37 -12.29
CA THR B 284 6.49 -10.08 -10.90
C THR B 284 7.31 -8.80 -10.78
N PRO B 285 7.39 -8.21 -9.57
CA PRO B 285 8.25 -7.02 -9.44
C PRO B 285 9.69 -7.30 -9.84
N GLU B 286 10.18 -8.51 -9.57
CA GLU B 286 11.54 -8.86 -9.95
C GLU B 286 11.68 -8.94 -11.47
N GLY B 287 10.63 -9.39 -12.15
CA GLY B 287 10.65 -9.35 -13.60
C GLY B 287 10.74 -7.94 -14.15
N TYR B 288 9.92 -7.04 -13.61
CA TYR B 288 10.00 -5.64 -14.05
C TYR B 288 11.39 -5.06 -13.77
N ALA B 289 11.99 -5.47 -12.65
CA ALA B 289 13.36 -5.02 -12.37
C ALA B 289 14.32 -5.51 -13.45
N HIS B 290 14.17 -6.76 -13.88
CA HIS B 290 15.08 -7.28 -14.90
C HIS B 290 14.85 -6.60 -16.24
N LEU B 291 13.59 -6.37 -16.63
CA LEU B 291 13.35 -5.63 -17.87
C LEU B 291 14.00 -4.26 -17.80
N THR B 292 13.85 -3.58 -16.65
CA THR B 292 14.45 -2.26 -16.49
C THR B 292 15.96 -2.32 -16.63
N HIS B 293 16.58 -3.29 -15.96
CA HIS B 293 18.04 -3.41 -15.98
C HIS B 293 18.57 -3.63 -17.39
N GLN B 294 17.83 -4.39 -18.21
CA GLN B 294 18.24 -4.61 -19.60
C GLN B 294 18.19 -3.32 -20.41
N LEU B 295 17.09 -2.56 -20.29
CA LEU B 295 16.99 -1.33 -21.08
C LEU B 295 18.07 -0.34 -20.68
N MET B 296 18.55 -0.44 -19.44
CA MET B 296 19.56 0.46 -18.91
C MET B 296 20.88 0.37 -19.69
N SER B 297 21.09 -0.72 -20.42
CA SER B 297 22.27 -0.93 -21.25
C SER B 297 22.19 -0.23 -22.60
N LEU B 298 21.10 0.48 -22.87
CA LEU B 298 20.88 1.24 -24.10
C LEU B 298 21.05 2.72 -23.84
N ALA B 299 21.33 3.46 -24.92
CA ALA B 299 21.29 4.92 -24.90
C ALA B 299 22.21 5.51 -23.83
N ALA B 300 23.31 4.81 -23.52
CA ALA B 300 24.25 5.24 -22.49
C ALA B 300 23.52 5.45 -21.16
N GLY B 301 22.47 4.67 -20.93
CA GLY B 301 21.74 4.71 -19.68
C GLY B 301 20.60 5.71 -19.62
N ARG B 302 20.34 6.46 -20.70
CA ARG B 302 19.33 7.52 -20.68
C ARG B 302 17.94 6.91 -20.82
N VAL B 303 17.36 6.56 -19.68
CA VAL B 303 16.07 5.88 -19.60
C VAL B 303 15.13 6.72 -18.75
N LEU B 304 13.91 6.96 -19.27
CA LEU B 304 12.83 7.60 -18.53
C LEU B 304 11.68 6.61 -18.41
N ILE B 305 11.30 6.26 -17.18
CA ILE B 305 10.20 5.35 -16.93
C ILE B 305 8.94 6.16 -16.62
N ILE B 306 7.91 6.00 -17.46
CA ILE B 306 6.68 6.79 -17.38
C ILE B 306 5.52 5.88 -17.00
N LEU B 307 4.84 6.21 -15.90
CA LEU B 307 3.69 5.39 -15.47
C LEU B 307 2.57 5.44 -16.50
N GLU B 308 2.06 4.27 -16.89
CA GLU B 308 0.86 4.22 -17.70
C GLU B 308 -0.27 3.61 -16.89
N GLY B 309 -0.70 2.40 -17.21
CA GLY B 309 -1.75 1.74 -16.45
C GLY B 309 -1.22 0.92 -15.29
N GLY B 310 -2.06 0.01 -14.80
CA GLY B 310 -1.71 -0.76 -13.62
C GLY B 310 -2.65 -0.40 -12.49
N TYR B 311 -3.41 -1.37 -12.00
CA TYR B 311 -4.57 -1.08 -11.15
C TYR B 311 -4.62 -1.81 -9.82
N ASN B 312 -3.71 -2.74 -9.54
CA ASN B 312 -3.57 -3.27 -8.19
C ASN B 312 -2.60 -2.36 -7.43
N LEU B 313 -3.13 -1.60 -6.47
CA LEU B 313 -2.32 -0.56 -5.82
C LEU B 313 -1.04 -1.14 -5.21
N THR B 314 -1.12 -2.32 -4.60
CA THR B 314 0.08 -2.92 -4.02
C THR B 314 1.04 -3.39 -5.11
N SER B 315 0.52 -4.04 -6.14
CA SER B 315 1.36 -4.54 -7.23
C SER B 315 2.10 -3.41 -7.95
N ILE B 316 1.39 -2.32 -8.26
CA ILE B 316 2.06 -1.26 -9.03
C ILE B 316 3.09 -0.56 -8.16
N SER B 317 2.81 -0.46 -6.86
CA SER B 317 3.76 0.21 -5.96
C SER B 317 5.02 -0.60 -5.80
N GLU B 318 4.89 -1.91 -5.60
CA GLU B 318 6.07 -2.76 -5.52
C GLU B 318 6.81 -2.79 -6.86
N SER B 319 6.06 -2.87 -7.96
CA SER B 319 6.68 -3.06 -9.27
C SER B 319 7.44 -1.83 -9.71
N MET B 320 6.81 -0.65 -9.59
CA MET B 320 7.52 0.53 -10.06
C MET B 320 8.67 0.92 -9.13
N SER B 321 8.54 0.68 -7.82
CA SER B 321 9.65 0.95 -6.91
CA SER B 321 9.66 0.98 -6.92
C SER B 321 10.87 0.10 -7.26
N MET B 322 10.64 -1.15 -7.64
CA MET B 322 11.75 -2.01 -8.03
C MET B 322 12.45 -1.51 -9.30
N CYS B 323 11.69 -0.94 -10.23
CA CYS B 323 12.31 -0.30 -11.40
C CYS B 323 13.22 0.85 -10.98
N THR B 324 12.74 1.70 -10.06
CA THR B 324 13.56 2.82 -9.61
C THR B 324 14.81 2.32 -8.91
N SER B 325 14.68 1.25 -8.14
CA SER B 325 15.85 0.63 -7.51
C SER B 325 16.87 0.23 -8.56
N MET B 326 16.41 -0.30 -9.70
N MET B 326 16.41 -0.30 -9.70
CA MET B 326 17.34 -0.65 -10.77
CA MET B 326 17.34 -0.65 -10.77
C MET B 326 18.00 0.59 -11.37
C MET B 326 18.00 0.58 -11.37
N LEU B 327 17.21 1.63 -11.64
CA LEU B 327 17.79 2.87 -12.16
C LEU B 327 18.86 3.44 -11.23
N LEU B 328 18.68 3.26 -9.92
CA LEU B 328 19.63 3.75 -8.91
C LEU B 328 20.89 2.92 -8.85
N GLY B 329 20.96 1.83 -9.60
CA GLY B 329 22.16 1.02 -9.68
C GLY B 329 22.14 -0.22 -8.82
N ASP B 330 21.05 -0.49 -8.12
CA ASP B 330 20.99 -1.67 -7.27
C ASP B 330 21.06 -2.95 -8.09
N SER B 331 21.58 -4.01 -7.47
CA SER B 331 21.77 -5.27 -8.19
C SER B 331 20.41 -5.92 -8.44
N PRO B 332 20.22 -6.52 -9.62
CA PRO B 332 18.94 -7.15 -9.94
C PRO B 332 18.66 -8.32 -9.01
N PRO B 333 17.43 -8.43 -8.52
CA PRO B 333 17.07 -9.58 -7.69
C PRO B 333 16.89 -10.83 -8.54
N SER B 334 16.93 -11.99 -7.87
CA SER B 334 16.79 -13.24 -8.60
C SER B 334 15.32 -13.53 -8.92
N LEU B 335 15.10 -14.14 -10.08
CA LEU B 335 13.77 -14.53 -10.51
C LEU B 335 13.38 -15.89 -9.92
N ASP B 336 12.15 -16.33 -10.19
CA ASP B 336 11.59 -17.55 -9.61
C ASP B 336 11.86 -18.76 -10.48
N THR B 339 10.23 -21.44 -14.96
CA THR B 339 9.00 -21.96 -15.55
C THR B 339 9.15 -22.10 -17.07
N PRO B 340 8.77 -23.25 -17.59
CA PRO B 340 8.89 -23.48 -19.03
C PRO B 340 8.07 -22.45 -19.83
N LEU B 341 8.71 -21.89 -20.86
CA LEU B 341 8.01 -21.00 -21.78
C LEU B 341 6.71 -21.60 -22.25
N LYS B 342 5.64 -20.82 -22.13
CA LYS B 342 4.37 -21.24 -22.69
C LYS B 342 4.48 -21.30 -24.21
N THR B 343 3.98 -22.38 -24.80
CA THR B 343 4.21 -22.64 -26.22
C THR B 343 3.65 -21.53 -27.09
N SER B 344 2.44 -21.04 -26.77
CA SER B 344 1.88 -19.96 -27.58
C SER B 344 2.71 -18.69 -27.50
N ALA B 345 3.50 -18.53 -26.44
CA ALA B 345 4.43 -17.40 -26.39
C ALA B 345 5.55 -17.57 -27.41
N THR B 346 6.05 -18.81 -27.57
CA THR B 346 7.08 -19.03 -28.57
C THR B 346 6.52 -18.81 -29.97
N VAL B 347 5.25 -19.17 -30.18
CA VAL B 347 4.58 -18.90 -31.45
C VAL B 347 4.58 -17.40 -31.73
N SER B 348 4.18 -16.60 -30.73
CA SER B 348 4.15 -15.15 -30.91
C SER B 348 5.53 -14.60 -31.23
N ILE B 349 6.55 -15.05 -30.51
CA ILE B 349 7.91 -14.56 -30.73
C ILE B 349 8.38 -14.90 -32.13
N ASN B 350 8.11 -16.13 -32.58
CA ASN B 350 8.49 -16.54 -33.93
C ASN B 350 7.77 -15.71 -35.00
N ASN B 351 6.50 -15.37 -34.76
CA ASN B 351 5.76 -14.56 -35.73
C ASN B 351 6.39 -13.19 -35.88
N VAL B 352 6.76 -12.56 -34.76
CA VAL B 352 7.40 -11.25 -34.82
C VAL B 352 8.77 -11.35 -35.48
N LEU B 353 9.52 -12.41 -35.16
CA LEU B 353 10.83 -12.62 -35.76
C LEU B 353 10.72 -12.68 -37.28
N ARG B 354 9.75 -13.43 -37.78
CA ARG B 354 9.56 -13.55 -39.21
C ARG B 354 9.15 -12.22 -39.83
N ALA B 355 8.34 -11.44 -39.11
CA ALA B 355 7.88 -10.17 -39.64
C ALA B 355 8.99 -9.11 -39.66
N HIS B 356 9.97 -9.19 -38.76
CA HIS B 356 10.93 -8.10 -38.64
C HIS B 356 12.35 -8.44 -39.07
N ALA B 357 12.69 -9.71 -39.26
CA ALA B 357 13.98 -10.09 -39.82
C ALA B 357 14.29 -9.37 -41.14
N PRO B 358 13.29 -9.07 -41.99
CA PRO B 358 13.58 -8.23 -43.17
C PRO B 358 14.19 -6.88 -42.82
N PHE B 359 13.86 -6.31 -41.67
CA PHE B 359 14.26 -4.96 -41.34
C PHE B 359 15.43 -4.88 -40.36
N TRP B 360 15.69 -5.95 -39.62
CA TRP B 360 16.71 -5.93 -38.58
C TRP B 360 17.62 -7.12 -38.78
N SER B 361 18.85 -6.88 -39.22
CA SER B 361 19.76 -7.97 -39.51
C SER B 361 20.16 -8.74 -38.26
N SER B 362 20.07 -8.11 -37.08
CA SER B 362 20.34 -8.82 -35.84
C SER B 362 19.35 -9.97 -35.58
N LEU B 363 18.28 -10.07 -36.35
CA LEU B 363 17.30 -11.14 -36.17
C LEU B 363 17.58 -12.34 -37.09
#